data_6CZ1
#
_entry.id   6CZ1
#
_cell.length_a   55.280
_cell.length_b   74.920
_cell.length_c   86.200
_cell.angle_alpha   90.000
_cell.angle_beta   98.520
_cell.angle_gamma   90.000
#
_symmetry.space_group_name_H-M   'P 1 21 1'
#
loop_
_entity.id
_entity.type
_entity.pdbx_description
1 polymer 'Endoplasmic reticulum chaperone BiP'
2 non-polymer 4-[[(2R,3S,4R,5R)-5-[6-amino-8-[(3,4-dichlorophenyl)methylamino]purin-9-yl]-3,4-dihydroxy-oxolan-2-yl]methoxymethyl]benzonitrile
3 non-polymer 'MAGNESIUM ION'
4 water water
#
_entity_poly.entity_id   1
_entity_poly.type   'polypeptide(L)'
_entity_poly.pdbx_seq_one_letter_code
;DVGTVVGIDLGTTYSCVGVFKNGRVEIIANDQGNRITPSYVAFTPEGERLIGDAAKNQLTSNPENTVFDAKRLIGRTWND
PSVQQDIKFLPFKVVEKKTKPYIQVDIGGGQTKTFAPEEISAMVLTKMKETAEAYLGKKVTHAVVTVPAYFNDAQRQATK
DAGTIAGLNVMRIINEPTAAAIAYGLDKREGEKNILVFDLGGGTFDVSLLTIDNGVFEVVATNGDTHLGGEDFDQRVMEH
FIKLYKKKTGKDVRKDNRAVQKLRREVEKAKRALSSQHQARIEIESFYEGEDFSETLTRAKFEELNMDLFRSTMKPVQKV
LEDSDLKKSDIDEIVLVGGSTRIPKIQQLVKEFFNGKEPSRGINPDEAVAYGAAVQAGVLSG
;
_entity_poly.pdbx_strand_id   A,B
#
# COMPACT_ATOMS: atom_id res chain seq x y z
N ASP A 1 -11.83 -27.15 -4.75
CA ASP A 1 -12.72 -26.82 -5.84
C ASP A 1 -12.28 -25.52 -6.51
N VAL A 2 -12.21 -24.37 -5.76
CA VAL A 2 -11.81 -23.09 -6.38
C VAL A 2 -10.28 -22.95 -6.40
N GLY A 3 -9.57 -23.59 -5.47
CA GLY A 3 -8.11 -23.61 -5.40
C GLY A 3 -7.51 -22.23 -5.33
N THR A 4 -6.40 -22.02 -6.07
CA THR A 4 -5.74 -20.71 -6.15
C THR A 4 -6.42 -19.91 -7.26
N VAL A 5 -7.13 -18.83 -6.89
CA VAL A 5 -7.83 -18.01 -7.89
C VAL A 5 -6.74 -17.10 -8.52
N VAL A 6 -6.77 -16.96 -9.85
CA VAL A 6 -5.81 -16.07 -10.53
C VAL A 6 -6.47 -14.74 -10.82
N GLY A 7 -5.66 -13.70 -10.93
CA GLY A 7 -6.15 -12.36 -11.27
C GLY A 7 -5.64 -12.01 -12.65
N ILE A 8 -6.56 -11.72 -13.60
CA ILE A 8 -6.11 -11.45 -14.96
C ILE A 8 -6.58 -10.11 -15.49
N ASP A 9 -5.63 -9.29 -15.94
CA ASP A 9 -5.94 -8.10 -16.69
C ASP A 9 -5.99 -8.56 -18.17
N LEU A 10 -7.20 -8.65 -18.75
CA LEU A 10 -7.39 -9.06 -20.15
C LEU A 10 -7.43 -7.76 -20.97
N GLY A 11 -6.26 -7.32 -21.40
CA GLY A 11 -6.16 -6.00 -22.04
C GLY A 11 -6.41 -6.01 -23.53
N THR A 12 -6.62 -4.81 -24.09
CA THR A 12 -6.86 -4.66 -25.52
C THR A 12 -5.68 -5.15 -26.32
N THR A 13 -4.47 -4.77 -25.93
CA THR A 13 -3.24 -5.15 -26.65
C THR A 13 -2.37 -6.18 -25.86
N TYR A 14 -2.41 -6.11 -24.51
CA TYR A 14 -1.56 -6.91 -23.64
C TYR A 14 -2.35 -7.44 -22.46
N SER A 15 -2.05 -8.69 -22.03
CA SER A 15 -2.69 -9.28 -20.85
C SER A 15 -1.62 -9.59 -19.80
N CYS A 16 -2.06 -9.69 -18.54
CA CYS A 16 -1.11 -9.88 -17.44
C CYS A 16 -1.85 -10.71 -16.40
N VAL A 17 -1.16 -11.69 -15.81
CA VAL A 17 -1.75 -12.56 -14.78
C VAL A 17 -0.92 -12.55 -13.48
N GLY A 18 -1.63 -12.46 -12.35
CA GLY A 18 -1.04 -12.48 -11.03
C GLY A 18 -1.77 -13.45 -10.13
N VAL A 19 -1.09 -13.88 -9.05
CA VAL A 19 -1.67 -14.74 -8.02
C VAL A 19 -1.24 -14.18 -6.65
N PHE A 20 -1.98 -14.55 -5.60
CA PHE A 20 -1.55 -14.23 -4.25
C PHE A 20 -0.99 -15.56 -3.68
N LYS A 21 0.33 -15.62 -3.47
CA LYS A 21 0.98 -16.85 -3.02
C LYS A 21 1.96 -16.48 -1.95
N ASN A 22 1.94 -17.26 -0.85
CA ASN A 22 2.85 -17.07 0.26
C ASN A 22 2.93 -15.63 0.78
N GLY A 23 1.77 -15.04 1.04
CA GLY A 23 1.72 -13.72 1.68
C GLY A 23 1.91 -12.50 0.83
N ARG A 24 2.01 -12.67 -0.51
CA ARG A 24 2.18 -11.53 -1.39
C ARG A 24 1.70 -11.81 -2.80
N VAL A 25 1.49 -10.76 -3.56
CA VAL A 25 1.11 -10.86 -4.97
C VAL A 25 2.38 -11.21 -5.74
N GLU A 26 2.24 -12.11 -6.70
CA GLU A 26 3.29 -12.49 -7.62
C GLU A 26 2.71 -12.31 -9.02
N ILE A 27 3.38 -11.50 -9.86
CA ILE A 27 3.01 -11.35 -11.27
C ILE A 27 3.81 -12.43 -11.96
N ILE A 28 3.11 -13.23 -12.79
CA ILE A 28 3.69 -14.44 -13.38
C ILE A 28 4.24 -14.24 -14.78
N ALA A 29 5.47 -14.72 -15.02
CA ALA A 29 6.06 -14.60 -16.36
C ALA A 29 5.61 -15.80 -17.21
N ASN A 30 5.44 -15.60 -18.51
CA ASN A 30 5.05 -16.68 -19.40
C ASN A 30 6.27 -17.49 -19.86
N ASP A 31 6.06 -18.41 -20.82
CA ASP A 31 7.12 -19.31 -21.32
C ASP A 31 8.25 -18.55 -22.03
N GLN A 32 7.99 -17.29 -22.44
CA GLN A 32 9.04 -16.46 -23.06
C GLN A 32 9.72 -15.55 -22.04
N GLY A 33 9.42 -15.77 -20.75
CA GLY A 33 10.01 -15.01 -19.65
C GLY A 33 9.46 -13.60 -19.53
N ASN A 34 8.24 -13.39 -20.03
CA ASN A 34 7.65 -12.07 -20.05
C ASN A 34 6.44 -11.96 -19.14
N ARG A 35 6.43 -10.94 -18.30
CA ARG A 35 5.33 -10.71 -17.36
C ARG A 35 4.08 -10.14 -18.04
N ILE A 36 4.18 -9.83 -19.36
CA ILE A 36 3.05 -9.38 -20.17
C ILE A 36 2.97 -10.29 -21.39
N THR A 37 1.74 -10.66 -21.79
CA THR A 37 1.51 -11.47 -22.98
C THR A 37 0.63 -10.68 -23.94
N PRO A 38 1.07 -10.46 -25.19
CA PRO A 38 0.21 -9.74 -26.16
C PRO A 38 -1.12 -10.47 -26.42
N SER A 39 -2.21 -9.73 -26.47
CA SER A 39 -3.55 -10.33 -26.68
C SER A 39 -3.75 -10.63 -28.20
N TYR A 40 -2.90 -11.51 -28.75
CA TYR A 40 -2.85 -11.85 -30.19
C TYR A 40 -3.01 -13.34 -30.39
N VAL A 41 -3.70 -13.73 -31.48
CA VAL A 41 -3.89 -15.15 -31.81
C VAL A 41 -3.62 -15.25 -33.30
N ALA A 42 -2.76 -16.18 -33.69
CA ALA A 42 -2.48 -16.38 -35.11
C ALA A 42 -2.79 -17.76 -35.46
N PHE A 43 -3.38 -17.87 -36.62
CA PHE A 43 -3.82 -19.11 -37.20
C PHE A 43 -2.89 -19.39 -38.34
N THR A 44 -2.14 -20.47 -38.20
CA THR A 44 -1.18 -20.87 -39.21
C THR A 44 -1.87 -21.82 -40.22
N PRO A 45 -1.39 -21.89 -41.48
CA PRO A 45 -2.01 -22.83 -42.44
C PRO A 45 -1.77 -24.33 -42.15
N GLU A 46 -1.08 -24.63 -41.03
CA GLU A 46 -0.81 -26.00 -40.55
C GLU A 46 -1.87 -26.44 -39.50
N GLY A 47 -2.87 -25.58 -39.24
CA GLY A 47 -3.96 -25.84 -38.28
C GLY A 47 -3.59 -25.55 -36.83
N GLU A 48 -2.45 -24.90 -36.62
CA GLU A 48 -1.97 -24.57 -35.29
C GLU A 48 -2.41 -23.15 -34.89
N ARG A 49 -2.44 -22.92 -33.59
CA ARG A 49 -2.79 -21.62 -33.05
C ARG A 49 -1.55 -21.14 -32.33
N LEU A 50 -1.21 -19.88 -32.55
CA LEU A 50 -0.08 -19.28 -31.86
C LEU A 50 -0.66 -18.15 -31.00
N ILE A 51 -0.18 -18.00 -29.76
CA ILE A 51 -0.75 -16.95 -28.87
C ILE A 51 0.35 -16.07 -28.35
N GLY A 52 0.05 -14.79 -28.15
CA GLY A 52 1.03 -13.92 -27.55
C GLY A 52 2.10 -13.45 -28.49
N ASP A 53 3.35 -13.35 -27.97
CA ASP A 53 4.44 -12.85 -28.81
C ASP A 53 4.66 -13.72 -30.05
N ALA A 54 4.42 -15.04 -29.95
CA ALA A 54 4.54 -15.99 -31.08
C ALA A 54 3.62 -15.51 -32.22
N ALA A 55 2.41 -15.04 -31.87
CA ALA A 55 1.42 -14.54 -32.84
C ALA A 55 1.78 -13.14 -33.34
N LYS A 56 2.09 -12.23 -32.42
CA LYS A 56 2.44 -10.85 -32.76
C LYS A 56 3.64 -10.77 -33.68
N ASN A 57 4.67 -11.56 -33.41
CA ASN A 57 5.91 -11.55 -34.21
C ASN A 57 5.77 -12.07 -35.64
N GLN A 58 4.63 -12.70 -35.94
CA GLN A 58 4.39 -13.28 -37.26
C GLN A 58 3.30 -12.47 -38.03
N LEU A 59 2.85 -11.34 -37.44
CA LEU A 59 1.87 -10.45 -38.05
C LEU A 59 2.27 -10.02 -39.47
N THR A 60 3.52 -9.58 -39.67
CA THR A 60 3.92 -9.10 -40.99
C THR A 60 3.81 -10.20 -42.06
N SER A 61 4.15 -11.43 -41.72
CA SER A 61 4.11 -12.57 -42.64
C SER A 61 2.68 -13.11 -42.83
N ASN A 62 1.81 -12.90 -41.85
CA ASN A 62 0.46 -13.48 -41.92
C ASN A 62 -0.55 -12.37 -41.54
N PRO A 63 -0.69 -11.30 -42.38
CA PRO A 63 -1.48 -10.15 -41.94
C PRO A 63 -2.98 -10.34 -41.92
N GLU A 64 -3.52 -11.34 -42.61
CA GLU A 64 -4.97 -11.56 -42.64
C GLU A 64 -5.48 -12.50 -41.59
N ASN A 65 -4.61 -13.35 -41.06
CA ASN A 65 -4.95 -14.41 -40.12
C ASN A 65 -4.33 -14.25 -38.75
N THR A 66 -3.93 -13.02 -38.37
CA THR A 66 -3.40 -12.71 -37.05
C THR A 66 -4.41 -11.77 -36.45
N VAL A 67 -5.09 -12.25 -35.42
CA VAL A 67 -6.19 -11.55 -34.77
C VAL A 67 -5.68 -10.84 -33.50
N PHE A 68 -6.14 -9.61 -33.30
CA PHE A 68 -5.78 -8.77 -32.16
C PHE A 68 -6.94 -7.80 -31.99
N ASP A 69 -6.95 -7.03 -30.87
CA ASP A 69 -8.01 -6.04 -30.64
C ASP A 69 -9.41 -6.68 -30.55
N ALA A 70 -9.51 -7.99 -30.22
CA ALA A 70 -10.84 -8.61 -30.09
C ALA A 70 -11.67 -7.91 -28.97
N LYS A 71 -10.97 -7.28 -28.00
CA LYS A 71 -11.64 -6.57 -26.90
C LYS A 71 -12.44 -5.40 -27.48
N ARG A 72 -12.06 -4.88 -28.68
CA ARG A 72 -12.84 -3.76 -29.25
C ARG A 72 -14.21 -4.20 -29.70
N LEU A 73 -14.35 -5.51 -29.98
CA LEU A 73 -15.57 -6.12 -30.50
C LEU A 73 -16.37 -6.92 -29.50
N ILE A 74 -15.74 -7.35 -28.39
CA ILE A 74 -16.43 -8.25 -27.47
C ILE A 74 -17.68 -7.62 -26.85
N GLY A 75 -18.73 -8.41 -26.72
CA GLY A 75 -19.96 -7.92 -26.12
C GLY A 75 -20.71 -6.90 -26.96
N ARG A 76 -20.40 -6.81 -28.24
CA ARG A 76 -21.10 -5.87 -29.10
C ARG A 76 -21.82 -6.58 -30.24
N THR A 77 -22.83 -5.92 -30.78
CA THR A 77 -23.48 -6.49 -31.94
C THR A 77 -22.71 -6.10 -33.23
N TRP A 78 -22.90 -6.85 -34.31
CA TRP A 78 -22.27 -6.56 -35.62
C TRP A 78 -22.60 -5.14 -36.10
N ASN A 79 -23.86 -4.72 -35.94
CA ASN A 79 -24.30 -3.42 -36.45
C ASN A 79 -24.05 -2.24 -35.51
N ASP A 80 -23.43 -2.49 -34.35
CA ASP A 80 -23.08 -1.38 -33.44
C ASP A 80 -22.17 -0.40 -34.24
N PRO A 81 -22.43 0.93 -34.19
CA PRO A 81 -21.59 1.87 -34.97
C PRO A 81 -20.12 1.77 -34.59
N SER A 82 -19.83 1.45 -33.32
CA SER A 82 -18.44 1.31 -32.88
C SER A 82 -17.75 0.16 -33.61
N VAL A 83 -18.47 -0.96 -33.80
CA VAL A 83 -17.96 -2.12 -34.48
C VAL A 83 -17.77 -1.80 -35.97
N GLN A 84 -18.77 -1.16 -36.59
CA GLN A 84 -18.68 -0.80 -38.03
C GLN A 84 -17.54 0.15 -38.30
N GLN A 85 -17.23 1.05 -37.35
CA GLN A 85 -16.04 1.91 -37.48
C GLN A 85 -14.75 1.08 -37.28
N ASP A 86 -14.66 0.31 -36.20
CA ASP A 86 -13.45 -0.47 -35.88
C ASP A 86 -13.01 -1.46 -36.93
N ILE A 87 -13.97 -2.09 -37.60
CA ILE A 87 -13.61 -3.10 -38.61
C ILE A 87 -12.88 -2.47 -39.79
N LYS A 88 -13.06 -1.16 -40.00
CA LYS A 88 -12.40 -0.42 -41.09
C LYS A 88 -10.89 -0.37 -40.85
N PHE A 89 -10.45 -0.51 -39.58
CA PHE A 89 -9.05 -0.42 -39.20
C PHE A 89 -8.43 -1.75 -38.90
N LEU A 90 -9.20 -2.85 -39.07
CA LEU A 90 -8.64 -4.17 -38.74
C LEU A 90 -8.32 -4.95 -40.03
N PRO A 91 -7.15 -5.62 -40.06
CA PRO A 91 -6.71 -6.30 -41.30
C PRO A 91 -7.31 -7.69 -41.54
N PHE A 92 -7.87 -8.29 -40.49
CA PHE A 92 -8.50 -9.60 -40.62
C PHE A 92 -9.99 -9.40 -40.91
N LYS A 93 -10.65 -10.41 -41.47
CA LYS A 93 -12.05 -10.31 -41.86
C LYS A 93 -12.96 -10.43 -40.67
N VAL A 94 -13.99 -9.57 -40.65
CA VAL A 94 -15.05 -9.60 -39.62
C VAL A 94 -16.38 -9.71 -40.35
N VAL A 95 -17.20 -10.72 -39.96
CA VAL A 95 -18.50 -11.03 -40.61
C VAL A 95 -19.64 -11.04 -39.61
N GLU A 96 -20.85 -10.84 -40.10
CA GLU A 96 -22.03 -10.88 -39.25
C GLU A 96 -22.40 -12.36 -39.04
N LYS A 97 -22.51 -12.79 -37.82
CA LYS A 97 -23.00 -14.15 -37.52
C LYS A 97 -23.67 -14.12 -36.15
N LYS A 98 -24.91 -14.64 -36.08
CA LYS A 98 -25.67 -14.68 -34.81
C LYS A 98 -25.71 -13.29 -34.15
N THR A 99 -25.92 -12.26 -35.01
CA THR A 99 -26.01 -10.82 -34.69
C THR A 99 -24.70 -10.15 -34.31
N LYS A 100 -23.62 -10.92 -34.15
CA LYS A 100 -22.35 -10.43 -33.65
C LYS A 100 -21.26 -10.32 -34.72
N PRO A 101 -20.17 -9.61 -34.40
CA PRO A 101 -19.02 -9.52 -35.32
C PRO A 101 -18.09 -10.72 -35.11
N TYR A 102 -18.29 -11.79 -35.90
CA TYR A 102 -17.40 -12.96 -35.80
C TYR A 102 -16.14 -12.69 -36.64
N ILE A 103 -14.99 -13.19 -36.19
CA ILE A 103 -13.70 -13.01 -36.88
C ILE A 103 -13.53 -14.22 -37.78
N GLN A 104 -13.22 -14.01 -39.08
CA GLN A 104 -13.09 -15.12 -40.02
C GLN A 104 -11.64 -15.29 -40.41
N VAL A 105 -11.09 -16.52 -40.26
CA VAL A 105 -9.68 -16.77 -40.58
C VAL A 105 -9.51 -18.04 -41.36
N ASP A 106 -8.39 -18.16 -42.04
CA ASP A 106 -8.05 -19.39 -42.74
C ASP A 106 -7.25 -20.20 -41.72
N ILE A 107 -7.59 -21.49 -41.59
CA ILE A 107 -6.90 -22.36 -40.63
C ILE A 107 -6.10 -23.48 -41.36
N GLY A 108 -5.94 -23.35 -42.68
CA GLY A 108 -5.22 -24.31 -43.50
C GLY A 108 -6.07 -25.41 -44.09
N GLY A 109 -5.54 -26.09 -45.11
CA GLY A 109 -6.24 -27.17 -45.81
C GLY A 109 -7.50 -26.72 -46.53
N GLY A 110 -7.48 -25.47 -47.00
CA GLY A 110 -8.59 -24.84 -47.69
C GLY A 110 -9.78 -24.54 -46.79
N GLN A 111 -9.57 -24.58 -45.46
CA GLN A 111 -10.63 -24.34 -44.47
C GLN A 111 -10.61 -22.92 -43.92
N THR A 112 -11.81 -22.35 -43.74
CA THR A 112 -11.93 -21.05 -43.07
C THR A 112 -12.82 -21.32 -41.88
N LYS A 113 -12.59 -20.61 -40.79
CA LYS A 113 -13.37 -20.78 -39.59
C LYS A 113 -13.75 -19.40 -39.10
N THR A 114 -14.87 -19.32 -38.38
CA THR A 114 -15.32 -18.09 -37.76
C THR A 114 -15.32 -18.27 -36.24
N PHE A 115 -14.94 -17.19 -35.54
CA PHE A 115 -14.83 -17.20 -34.09
C PHE A 115 -15.52 -15.98 -33.52
N ALA A 116 -16.31 -16.18 -32.44
CA ALA A 116 -16.94 -15.00 -31.80
C ALA A 116 -15.78 -14.26 -31.13
N PRO A 117 -15.90 -12.94 -30.89
CA PRO A 117 -14.84 -12.24 -30.15
C PRO A 117 -14.48 -12.90 -28.81
N GLU A 118 -15.49 -13.43 -28.09
CA GLU A 118 -15.22 -14.07 -26.80
C GLU A 118 -14.43 -15.40 -26.99
N GLU A 119 -14.52 -16.05 -28.18
CA GLU A 119 -13.72 -17.26 -28.47
C GLU A 119 -12.24 -16.88 -28.66
N ILE A 120 -11.96 -15.72 -29.31
CA ILE A 120 -10.57 -15.23 -29.46
C ILE A 120 -10.10 -14.87 -28.07
N SER A 121 -10.88 -14.06 -27.30
CA SER A 121 -10.43 -13.76 -25.92
C SER A 121 -10.22 -15.00 -25.08
N ALA A 122 -11.05 -16.06 -25.29
CA ALA A 122 -10.86 -17.33 -24.57
C ALA A 122 -9.48 -17.94 -24.87
N MET A 123 -8.99 -17.83 -26.14
CA MET A 123 -7.68 -18.34 -26.46
C MET A 123 -6.60 -17.61 -25.69
N VAL A 124 -6.75 -16.27 -25.54
CA VAL A 124 -5.80 -15.48 -24.75
C VAL A 124 -5.89 -15.90 -23.29
N LEU A 125 -7.13 -16.06 -22.74
CA LEU A 125 -7.27 -16.50 -21.34
C LEU A 125 -6.71 -17.89 -21.11
N THR A 126 -6.87 -18.81 -22.05
CA THR A 126 -6.28 -20.17 -21.95
C THR A 126 -4.75 -20.05 -21.77
N LYS A 127 -4.10 -19.16 -22.51
CA LYS A 127 -2.66 -18.97 -22.43
C LYS A 127 -2.33 -18.41 -21.05
N MET A 128 -3.14 -17.46 -20.57
CA MET A 128 -2.88 -16.86 -19.24
C MET A 128 -3.01 -17.95 -18.19
N LYS A 129 -4.01 -18.85 -18.38
CA LYS A 129 -4.25 -19.98 -17.46
C LYS A 129 -3.06 -20.93 -17.49
N GLU A 130 -2.53 -21.22 -18.70
CA GLU A 130 -1.35 -22.09 -18.83
C GLU A 130 -0.15 -21.47 -18.13
N THR A 131 0.03 -20.15 -18.28
CA THR A 131 1.13 -19.47 -17.64
C THR A 131 1.03 -19.64 -16.12
N ALA A 132 -0.16 -19.42 -15.56
CA ALA A 132 -0.40 -19.53 -14.10
C ALA A 132 -0.19 -20.94 -13.61
N GLU A 133 -0.65 -21.95 -14.37
CA GLU A 133 -0.50 -23.36 -13.96
C GLU A 133 0.94 -23.82 -13.96
N ALA A 134 1.73 -23.34 -14.93
CA ALA A 134 3.17 -23.68 -14.97
C ALA A 134 3.86 -23.13 -13.73
N TYR A 135 3.46 -21.91 -13.29
CA TYR A 135 4.05 -21.29 -12.13
C TYR A 135 3.65 -21.97 -10.82
N LEU A 136 2.35 -22.24 -10.65
CA LEU A 136 1.84 -22.80 -9.42
C LEU A 136 2.12 -24.26 -9.25
N GLY A 137 2.35 -24.95 -10.36
CA GLY A 137 2.60 -26.38 -10.38
C GLY A 137 1.35 -27.17 -10.06
N LYS A 138 0.19 -26.61 -10.43
CA LYS A 138 -1.12 -27.23 -10.22
C LYS A 138 -2.16 -26.55 -11.11
N LYS A 139 -3.36 -27.18 -11.24
CA LYS A 139 -4.43 -26.64 -12.08
C LYS A 139 -5.07 -25.40 -11.50
N VAL A 140 -5.55 -24.55 -12.39
CA VAL A 140 -6.26 -23.29 -12.12
C VAL A 140 -7.65 -23.44 -12.76
N THR A 141 -8.69 -23.18 -11.98
CA THR A 141 -10.10 -23.31 -12.43
C THR A 141 -10.92 -22.04 -12.28
N HIS A 142 -10.46 -21.10 -11.43
CA HIS A 142 -11.21 -19.88 -11.11
C HIS A 142 -10.38 -18.64 -11.30
N ALA A 143 -11.06 -17.54 -11.63
CA ALA A 143 -10.40 -16.28 -11.87
C ALA A 143 -11.21 -15.06 -11.52
N VAL A 144 -10.49 -13.96 -11.32
CA VAL A 144 -11.05 -12.59 -11.24
C VAL A 144 -10.48 -11.98 -12.53
N VAL A 145 -11.34 -11.35 -13.34
CA VAL A 145 -10.91 -10.75 -14.61
C VAL A 145 -11.30 -9.29 -14.59
N THR A 146 -10.40 -8.40 -15.04
CA THR A 146 -10.73 -6.97 -15.08
C THR A 146 -11.34 -6.56 -16.43
N VAL A 147 -12.15 -5.46 -16.40
CA VAL A 147 -12.71 -4.88 -17.60
C VAL A 147 -12.64 -3.36 -17.49
N PRO A 148 -12.75 -2.62 -18.60
CA PRO A 148 -12.80 -1.16 -18.50
C PRO A 148 -14.06 -0.76 -17.75
N ALA A 149 -13.95 0.32 -16.97
CA ALA A 149 -15.08 0.75 -16.16
C ALA A 149 -16.33 1.07 -16.99
N TYR A 150 -16.17 1.48 -18.28
CA TYR A 150 -17.32 1.78 -19.14
C TYR A 150 -18.01 0.55 -19.71
N PHE A 151 -17.40 -0.66 -19.54
CA PHE A 151 -18.03 -1.87 -20.06
C PHE A 151 -19.46 -2.00 -19.59
N ASN A 152 -20.35 -2.36 -20.54
CA ASN A 152 -21.78 -2.52 -20.21
C ASN A 152 -22.14 -3.98 -19.85
N ASP A 153 -23.43 -4.28 -19.64
CA ASP A 153 -23.80 -5.64 -19.23
C ASP A 153 -23.37 -6.70 -20.23
N ALA A 154 -23.55 -6.42 -21.56
CA ALA A 154 -23.18 -7.41 -22.60
C ALA A 154 -21.67 -7.62 -22.66
N GLN A 155 -20.89 -6.55 -22.48
CA GLN A 155 -19.43 -6.64 -22.52
C GLN A 155 -18.90 -7.41 -21.31
N ARG A 156 -19.47 -7.19 -20.09
CA ARG A 156 -19.07 -7.96 -18.90
C ARG A 156 -19.48 -9.43 -19.04
N GLN A 157 -20.73 -9.69 -19.51
CA GLN A 157 -21.13 -11.09 -19.68
C GLN A 157 -20.25 -11.81 -20.73
N ALA A 158 -19.94 -11.11 -21.83
CA ALA A 158 -19.13 -11.77 -22.88
C ALA A 158 -17.74 -12.10 -22.35
N THR A 159 -17.22 -11.25 -21.45
CA THR A 159 -15.89 -11.51 -20.84
C THR A 159 -15.98 -12.72 -19.90
N LYS A 160 -17.09 -12.85 -19.11
CA LYS A 160 -17.24 -14.05 -18.27
C LYS A 160 -17.35 -15.25 -19.21
N ASP A 161 -18.01 -15.08 -20.38
CA ASP A 161 -18.17 -16.19 -21.35
C ASP A 161 -16.84 -16.58 -21.91
N ALA A 162 -15.92 -15.61 -22.15
CA ALA A 162 -14.58 -15.99 -22.65
C ALA A 162 -13.88 -16.86 -21.59
N GLY A 163 -14.07 -16.54 -20.32
CA GLY A 163 -13.51 -17.36 -19.23
C GLY A 163 -14.07 -18.77 -19.25
N THR A 164 -15.41 -18.91 -19.41
CA THR A 164 -16.06 -20.24 -19.45
C THR A 164 -15.44 -21.11 -20.56
N ILE A 165 -15.28 -20.52 -21.75
CA ILE A 165 -14.73 -21.23 -22.93
C ILE A 165 -13.30 -21.70 -22.61
N ALA A 166 -12.54 -20.86 -21.86
CA ALA A 166 -11.15 -21.16 -21.47
C ALA A 166 -11.03 -22.12 -20.26
N GLY A 167 -12.16 -22.55 -19.70
CA GLY A 167 -12.13 -23.44 -18.54
C GLY A 167 -11.92 -22.70 -17.23
N LEU A 168 -12.25 -21.40 -17.22
CA LEU A 168 -12.15 -20.54 -16.04
C LEU A 168 -13.51 -20.10 -15.57
N ASN A 169 -13.76 -20.25 -14.29
CA ASN A 169 -14.95 -19.74 -13.69
C ASN A 169 -14.59 -18.31 -13.24
N VAL A 170 -15.11 -17.31 -13.97
CA VAL A 170 -14.82 -15.88 -13.70
C VAL A 170 -15.73 -15.50 -12.55
N MET A 171 -15.22 -15.64 -11.32
CA MET A 171 -16.00 -15.42 -10.08
C MET A 171 -16.40 -13.96 -9.93
N ARG A 172 -15.50 -13.04 -10.34
CA ARG A 172 -15.73 -11.62 -10.21
C ARG A 172 -15.21 -10.95 -11.45
N ILE A 173 -15.96 -9.94 -11.92
CA ILE A 173 -15.56 -9.02 -13.00
C ILE A 173 -15.30 -7.73 -12.21
N ILE A 174 -14.08 -7.19 -12.31
CA ILE A 174 -13.74 -5.97 -11.55
C ILE A 174 -13.33 -4.88 -12.51
N ASN A 175 -13.65 -3.63 -12.18
CA ASN A 175 -13.25 -2.53 -13.07
C ASN A 175 -11.74 -2.31 -13.00
N GLU A 176 -11.11 -2.12 -14.16
CA GLU A 176 -9.64 -1.86 -14.26
C GLU A 176 -9.18 -0.72 -13.31
N PRO A 177 -9.81 0.47 -13.31
CA PRO A 177 -9.30 1.52 -12.40
C PRO A 177 -9.42 1.15 -10.93
N THR A 178 -10.48 0.40 -10.57
CA THR A 178 -10.65 -0.05 -9.18
C THR A 178 -9.53 -1.01 -8.83
N ALA A 179 -9.17 -1.95 -9.75
CA ALA A 179 -8.07 -2.90 -9.52
C ALA A 179 -6.75 -2.11 -9.33
N ALA A 180 -6.51 -1.04 -10.12
CA ALA A 180 -5.26 -0.24 -9.93
C ALA A 180 -5.28 0.41 -8.55
N ALA A 181 -6.43 0.98 -8.14
CA ALA A 181 -6.52 1.60 -6.81
C ALA A 181 -6.23 0.56 -5.71
N ILE A 182 -6.76 -0.68 -5.86
CA ILE A 182 -6.52 -1.78 -4.88
C ILE A 182 -5.01 -2.12 -4.80
N ALA A 183 -4.31 -2.07 -5.96
CA ALA A 183 -2.87 -2.36 -5.97
C ALA A 183 -2.15 -1.37 -5.04
N TYR A 184 -2.58 -0.10 -5.07
CA TYR A 184 -1.96 0.93 -4.23
C TYR A 184 -2.43 0.91 -2.76
N GLY A 185 -3.26 -0.06 -2.39
CA GLY A 185 -3.80 -0.22 -1.02
C GLY A 185 -4.82 0.84 -0.64
N LEU A 186 -5.37 1.56 -1.64
CA LEU A 186 -6.35 2.64 -1.42
C LEU A 186 -7.67 2.14 -0.81
N ASP A 187 -7.94 0.82 -0.92
CA ASP A 187 -9.12 0.16 -0.34
C ASP A 187 -8.95 -0.14 1.15
N LYS A 188 -7.70 -0.09 1.66
CA LYS A 188 -7.37 -0.39 3.06
C LYS A 188 -7.07 0.89 3.87
N ARG A 189 -7.96 1.90 3.73
CA ARG A 189 -7.80 3.19 4.38
C ARG A 189 -9.14 3.65 4.96
N GLU A 190 -9.11 4.27 6.16
CA GLU A 190 -10.30 4.82 6.77
C GLU A 190 -10.54 6.16 6.08
N GLY A 191 -11.80 6.59 6.04
CA GLY A 191 -12.11 7.88 5.41
C GLY A 191 -12.53 7.78 3.96
N GLU A 192 -12.76 8.95 3.34
CA GLU A 192 -13.26 9.05 1.96
C GLU A 192 -12.29 9.84 1.09
N LYS A 193 -12.06 9.38 -0.13
CA LYS A 193 -11.16 10.10 -1.05
C LYS A 193 -11.69 10.05 -2.48
N ASN A 194 -11.26 11.01 -3.32
CA ASN A 194 -11.60 11.02 -4.74
C ASN A 194 -10.32 10.67 -5.51
N ILE A 195 -10.37 9.65 -6.36
CA ILE A 195 -9.19 9.17 -7.09
C ILE A 195 -9.41 9.37 -8.60
N LEU A 196 -8.40 9.88 -9.28
CA LEU A 196 -8.46 9.99 -10.73
C LEU A 196 -7.49 8.95 -11.22
N VAL A 197 -7.95 8.00 -12.04
CA VAL A 197 -7.07 6.99 -12.64
C VAL A 197 -6.89 7.38 -14.10
N PHE A 198 -5.63 7.59 -14.52
CA PHE A 198 -5.29 8.05 -15.85
C PHE A 198 -4.56 6.87 -16.47
N ASP A 199 -5.18 6.23 -17.45
CA ASP A 199 -4.67 4.98 -18.05
C ASP A 199 -4.36 5.13 -19.54
N LEU A 200 -3.06 5.23 -19.87
CA LEU A 200 -2.65 5.41 -21.25
C LEU A 200 -1.79 4.24 -21.63
N GLY A 201 -2.38 3.33 -22.37
CA GLY A 201 -1.74 2.08 -22.77
C GLY A 201 -1.12 2.08 -24.14
N GLY A 202 -1.07 0.90 -24.73
CA GLY A 202 -0.52 0.72 -26.06
C GLY A 202 -1.48 1.22 -27.14
N GLY A 203 -2.79 1.11 -26.90
CA GLY A 203 -3.73 1.51 -27.93
C GLY A 203 -4.95 2.30 -27.51
N THR A 204 -5.17 2.45 -26.18
CA THR A 204 -6.37 3.09 -25.65
C THR A 204 -6.02 4.04 -24.54
N PHE A 205 -6.89 5.02 -24.33
CA PHE A 205 -6.74 5.99 -23.26
C PHE A 205 -8.01 6.05 -22.44
N ASP A 206 -7.93 5.68 -21.15
CA ASP A 206 -9.09 5.72 -20.26
C ASP A 206 -8.81 6.58 -19.03
N VAL A 207 -9.76 7.44 -18.67
CA VAL A 207 -9.71 8.26 -17.44
C VAL A 207 -10.95 7.92 -16.64
N SER A 208 -10.76 7.65 -15.36
CA SER A 208 -11.88 7.30 -14.48
C SER A 208 -11.77 8.07 -13.21
N LEU A 209 -12.92 8.52 -12.71
CA LEU A 209 -12.98 9.19 -11.42
C LEU A 209 -13.69 8.25 -10.49
N LEU A 210 -13.01 7.86 -9.42
CA LEU A 210 -13.55 6.93 -8.43
C LEU A 210 -13.68 7.59 -7.08
N THR A 211 -14.65 7.16 -6.29
CA THR A 211 -14.70 7.58 -4.90
C THR A 211 -14.43 6.32 -4.11
N ILE A 212 -13.68 6.46 -3.02
CA ILE A 212 -13.37 5.36 -2.09
C ILE A 212 -13.86 5.82 -0.74
N ASP A 213 -14.69 5.01 -0.10
CA ASP A 213 -15.27 5.33 1.18
C ASP A 213 -15.10 4.11 2.06
N ASN A 214 -14.03 4.10 2.88
CA ASN A 214 -13.76 3.02 3.85
C ASN A 214 -13.79 1.63 3.19
N GLY A 215 -13.09 1.51 2.07
CA GLY A 215 -13.03 0.24 1.34
C GLY A 215 -14.07 0.06 0.26
N VAL A 216 -15.08 0.97 0.17
CA VAL A 216 -16.17 0.87 -0.82
C VAL A 216 -15.91 1.84 -1.99
N PHE A 217 -15.86 1.29 -3.23
CA PHE A 217 -15.61 2.03 -4.47
C PHE A 217 -16.86 2.36 -5.24
N GLU A 218 -16.85 3.53 -5.86
CA GLU A 218 -17.87 3.94 -6.81
C GLU A 218 -17.18 4.56 -8.01
N VAL A 219 -17.53 4.13 -9.23
CA VAL A 219 -17.02 4.77 -10.45
C VAL A 219 -18.02 5.90 -10.70
N VAL A 220 -17.57 7.13 -10.61
CA VAL A 220 -18.48 8.26 -10.74
C VAL A 220 -18.53 8.80 -12.16
N ALA A 221 -17.45 8.66 -12.94
CA ALA A 221 -17.42 9.17 -14.32
C ALA A 221 -16.27 8.53 -15.05
N THR A 222 -16.45 8.37 -16.36
CA THR A 222 -15.41 7.81 -17.25
C THR A 222 -15.36 8.63 -18.52
N ASN A 223 -14.18 8.68 -19.12
CA ASN A 223 -13.93 9.35 -20.41
C ASN A 223 -12.61 8.79 -20.95
N GLY A 224 -12.11 9.42 -22.00
CA GLY A 224 -10.86 9.00 -22.63
C GLY A 224 -10.95 9.07 -24.12
N ASP A 225 -10.11 8.28 -24.80
CA ASP A 225 -10.07 8.21 -26.25
C ASP A 225 -9.81 6.76 -26.59
N THR A 226 -10.77 6.13 -27.24
CA THR A 226 -10.69 4.69 -27.61
C THR A 226 -9.57 4.33 -28.54
N HIS A 227 -8.99 5.31 -29.27
CA HIS A 227 -7.96 5.05 -30.26
C HIS A 227 -6.74 5.95 -30.09
N LEU A 228 -6.25 6.02 -28.87
CA LEU A 228 -5.05 6.80 -28.53
C LEU A 228 -4.21 5.99 -27.56
N GLY A 229 -2.99 5.72 -27.94
CA GLY A 229 -2.05 5.02 -27.08
C GLY A 229 -0.66 5.06 -27.66
N GLY A 230 0.25 4.31 -27.03
CA GLY A 230 1.67 4.26 -27.42
C GLY A 230 1.91 3.94 -28.89
N GLU A 231 1.08 3.08 -29.50
CA GLU A 231 1.23 2.74 -30.92
C GLU A 231 1.04 3.95 -31.82
N ASP A 232 0.23 4.90 -31.35
CA ASP A 232 -0.02 6.12 -32.13
C ASP A 232 1.20 7.01 -32.12
N PHE A 233 1.93 7.02 -31.01
CA PHE A 233 3.13 7.85 -30.88
C PHE A 233 4.23 7.23 -31.71
N ASP A 234 4.29 5.87 -31.76
CA ASP A 234 5.27 5.22 -32.62
C ASP A 234 4.98 5.57 -34.08
N GLN A 235 3.69 5.51 -34.47
CA GLN A 235 3.29 5.78 -35.85
C GLN A 235 3.69 7.19 -36.27
N ARG A 236 3.48 8.21 -35.40
CA ARG A 236 3.93 9.59 -35.74
C ARG A 236 5.40 9.64 -36.03
N VAL A 237 6.21 8.90 -35.23
CA VAL A 237 7.66 8.86 -35.43
C VAL A 237 8.00 8.09 -36.72
N MET A 238 7.29 7.01 -37.02
CA MET A 238 7.54 6.23 -38.24
C MET A 238 7.33 7.09 -39.45
N GLU A 239 6.18 7.78 -39.53
CA GLU A 239 5.85 8.71 -40.62
C GLU A 239 6.97 9.75 -40.81
N HIS A 240 7.47 10.32 -39.69
CA HIS A 240 8.56 11.28 -39.69
C HIS A 240 9.80 10.75 -40.44
N PHE A 241 10.31 9.59 -40.00
CA PHE A 241 11.49 8.98 -40.61
C PHE A 241 11.26 8.52 -42.03
N ILE A 242 10.06 8.03 -42.32
CA ILE A 242 9.73 7.59 -43.68
C ILE A 242 9.78 8.77 -44.64
N LYS A 243 9.24 9.94 -44.22
CA LYS A 243 9.26 11.15 -45.07
C LYS A 243 10.68 11.68 -45.23
N LEU A 244 11.46 11.68 -44.14
CA LEU A 244 12.85 12.13 -44.22
C LEU A 244 13.65 11.26 -45.15
N TYR A 245 13.43 9.92 -45.08
CA TYR A 245 14.13 8.97 -45.96
C TYR A 245 13.75 9.19 -47.43
N LYS A 246 12.46 9.49 -47.72
CA LYS A 246 11.99 9.73 -49.09
C LYS A 246 12.60 10.98 -49.66
N LYS A 247 12.75 12.03 -48.84
CA LYS A 247 13.35 13.27 -49.31
C LYS A 247 14.84 13.10 -49.60
N LYS A 248 15.53 12.32 -48.73
CA LYS A 248 16.97 12.08 -48.89
C LYS A 248 17.34 11.11 -50.03
N THR A 249 16.61 10.00 -50.18
CA THR A 249 16.94 8.95 -51.15
C THR A 249 16.02 8.88 -52.38
N GLY A 250 14.82 9.44 -52.27
CA GLY A 250 13.81 9.37 -53.32
C GLY A 250 13.09 8.02 -53.27
N LYS A 251 13.30 7.24 -52.18
CA LYS A 251 12.71 5.91 -52.00
C LYS A 251 11.59 5.94 -50.99
N ASP A 252 10.44 5.33 -51.34
CA ASP A 252 9.34 5.21 -50.39
C ASP A 252 9.39 3.78 -49.80
N VAL A 253 9.83 3.67 -48.53
CA VAL A 253 10.03 2.35 -47.90
C VAL A 253 8.72 1.63 -47.58
N ARG A 254 7.57 2.30 -47.72
CA ARG A 254 6.28 1.69 -47.35
C ARG A 254 5.89 0.50 -48.23
N LYS A 255 6.50 0.42 -49.43
CA LYS A 255 6.33 -0.66 -50.41
C LYS A 255 6.77 -2.01 -49.82
N ASP A 256 7.78 -1.98 -48.93
CA ASP A 256 8.37 -3.18 -48.31
C ASP A 256 7.85 -3.28 -46.86
N ASN A 257 6.89 -4.20 -46.63
CA ASN A 257 6.29 -4.38 -45.30
C ASN A 257 7.31 -4.72 -44.22
N ARG A 258 8.34 -5.50 -44.58
CA ARG A 258 9.43 -5.89 -43.68
C ARG A 258 10.23 -4.68 -43.23
N ALA A 259 10.55 -3.76 -44.17
CA ALA A 259 11.30 -2.55 -43.85
C ALA A 259 10.49 -1.73 -42.83
N VAL A 260 9.17 -1.59 -43.05
CA VAL A 260 8.28 -0.83 -42.16
C VAL A 260 8.27 -1.48 -40.78
N GLN A 261 8.16 -2.82 -40.71
CA GLN A 261 8.16 -3.49 -39.40
C GLN A 261 9.51 -3.38 -38.69
N LYS A 262 10.64 -3.39 -39.43
CA LYS A 262 11.96 -3.24 -38.76
C LYS A 262 12.02 -1.85 -38.14
N LEU A 263 11.56 -0.84 -38.89
CA LEU A 263 11.49 0.54 -38.42
C LEU A 263 10.55 0.66 -37.21
N ARG A 264 9.34 0.06 -37.28
CA ARG A 264 8.40 0.07 -36.15
C ARG A 264 9.06 -0.46 -34.87
N ARG A 265 9.78 -1.60 -34.97
CA ARG A 265 10.45 -2.20 -33.80
C ARG A 265 11.48 -1.28 -33.21
N GLU A 266 12.30 -0.69 -34.07
CA GLU A 266 13.37 0.19 -33.60
C GLU A 266 12.85 1.52 -33.07
N VAL A 267 11.77 2.06 -33.68
CA VAL A 267 11.17 3.31 -33.23
C VAL A 267 10.56 3.10 -31.83
N GLU A 268 9.90 1.96 -31.62
CA GLU A 268 9.33 1.67 -30.30
C GLU A 268 10.41 1.59 -29.21
N LYS A 269 11.56 0.96 -29.50
CA LYS A 269 12.69 0.86 -28.58
C LYS A 269 13.28 2.23 -28.28
N ALA A 270 13.41 3.08 -29.32
CA ALA A 270 13.94 4.44 -29.18
C ALA A 270 13.01 5.29 -28.36
N LYS A 271 11.68 5.18 -28.57
CA LYS A 271 10.72 5.91 -27.72
C LYS A 271 10.94 5.52 -26.23
N ARG A 272 11.08 4.20 -25.93
CA ARG A 272 11.32 3.78 -24.57
C ARG A 272 12.58 4.38 -23.97
N ALA A 273 13.68 4.39 -24.73
CA ALA A 273 14.94 4.95 -24.26
C ALA A 273 14.73 6.43 -23.98
N LEU A 274 13.89 7.11 -24.81
CA LEU A 274 13.69 8.56 -24.64
C LEU A 274 12.91 8.95 -23.36
N SER A 275 12.44 7.97 -22.60
CA SER A 275 11.79 8.24 -21.31
C SER A 275 12.82 8.41 -20.18
N SER A 276 14.07 8.00 -20.41
CA SER A 276 15.13 8.14 -19.42
C SER A 276 16.33 8.91 -19.95
N GLN A 277 16.44 9.09 -21.28
CA GLN A 277 17.53 9.91 -21.86
C GLN A 277 17.02 10.87 -22.95
N HIS A 278 17.90 11.75 -23.46
CA HIS A 278 17.47 12.81 -24.40
C HIS A 278 17.80 12.58 -25.88
N GLN A 279 18.46 11.46 -26.20
CA GLN A 279 18.76 11.12 -27.60
C GLN A 279 18.72 9.61 -27.69
N ALA A 280 18.34 9.08 -28.85
CA ALA A 280 18.34 7.63 -29.04
C ALA A 280 18.74 7.31 -30.44
N ARG A 281 19.67 6.34 -30.61
CA ARG A 281 20.15 5.93 -31.91
C ARG A 281 19.30 4.79 -32.42
N ILE A 282 18.77 4.96 -33.63
CA ILE A 282 17.98 3.93 -34.32
C ILE A 282 18.93 3.31 -35.37
N GLU A 283 19.18 2.01 -35.27
CA GLU A 283 20.08 1.27 -36.14
C GLU A 283 19.37 0.06 -36.70
N ILE A 284 19.36 -0.06 -38.03
CA ILE A 284 18.68 -1.18 -38.68
C ILE A 284 19.63 -1.75 -39.72
N GLU A 285 19.94 -3.05 -39.62
CA GLU A 285 20.77 -3.74 -40.58
C GLU A 285 19.85 -4.08 -41.77
N SER A 286 20.31 -3.85 -43.03
CA SER A 286 19.56 -4.15 -44.25
C SER A 286 18.12 -3.67 -44.18
N PHE A 287 17.92 -2.36 -43.93
CA PHE A 287 16.60 -1.74 -43.80
C PHE A 287 15.80 -1.81 -45.09
N TYR A 288 16.35 -1.24 -46.17
CA TYR A 288 15.67 -1.16 -47.45
C TYR A 288 16.67 -1.33 -48.58
N GLU A 289 16.34 -2.20 -49.58
CA GLU A 289 17.25 -2.48 -50.73
C GLU A 289 18.66 -2.92 -50.26
N GLY A 290 18.72 -3.58 -49.10
CA GLY A 290 19.94 -4.08 -48.48
C GLY A 290 20.82 -3.04 -47.83
N GLU A 291 20.36 -1.77 -47.76
CA GLU A 291 21.15 -0.71 -47.16
C GLU A 291 20.81 -0.51 -45.69
N ASP A 292 21.86 -0.38 -44.86
CA ASP A 292 21.71 -0.13 -43.42
C ASP A 292 21.14 1.26 -43.15
N PHE A 293 20.45 1.41 -42.03
CA PHE A 293 19.83 2.67 -41.58
C PHE A 293 20.42 3.00 -40.23
N SER A 294 20.82 4.27 -40.04
CA SER A 294 21.39 4.71 -38.77
C SER A 294 21.05 6.19 -38.60
N GLU A 295 20.05 6.47 -37.78
CA GLU A 295 19.63 7.85 -37.50
C GLU A 295 19.41 8.07 -36.00
N THR A 296 19.31 9.33 -35.56
CA THR A 296 19.07 9.57 -34.13
C THR A 296 17.74 10.30 -33.97
N LEU A 297 17.05 10.03 -32.89
CA LEU A 297 15.82 10.73 -32.53
C LEU A 297 16.05 11.40 -31.19
N THR A 298 15.79 12.72 -31.08
CA THR A 298 15.94 13.42 -29.81
C THR A 298 14.61 13.38 -29.09
N ARG A 299 14.62 13.61 -27.79
CA ARG A 299 13.40 13.64 -26.99
C ARG A 299 12.57 14.87 -27.44
N ALA A 300 13.24 16.01 -27.75
CA ALA A 300 12.50 17.19 -28.22
C ALA A 300 11.73 16.87 -29.50
N LYS A 301 12.36 16.16 -30.45
CA LYS A 301 11.69 15.83 -31.71
C LYS A 301 10.54 14.86 -31.43
N PHE A 302 10.76 13.89 -30.55
CA PHE A 302 9.70 12.95 -30.20
C PHE A 302 8.50 13.69 -29.62
N GLU A 303 8.73 14.68 -28.73
CA GLU A 303 7.64 15.43 -28.12
C GLU A 303 6.94 16.29 -29.17
N GLU A 304 7.70 16.99 -30.04
CA GLU A 304 7.06 17.83 -31.05
C GLU A 304 6.15 17.07 -31.96
N LEU A 305 6.60 15.89 -32.40
CA LEU A 305 5.82 15.09 -33.33
C LEU A 305 4.52 14.61 -32.75
N ASN A 306 4.47 14.51 -31.42
CA ASN A 306 3.34 13.99 -30.66
C ASN A 306 2.62 15.00 -29.76
N MET A 307 3.01 16.28 -29.80
CA MET A 307 2.49 17.29 -28.87
C MET A 307 0.98 17.41 -28.84
N ASP A 308 0.34 17.36 -30.01
CA ASP A 308 -1.11 17.45 -30.07
C ASP A 308 -1.79 16.26 -29.40
N LEU A 309 -1.26 15.06 -29.66
CA LEU A 309 -1.78 13.83 -29.09
C LEU A 309 -1.57 13.85 -27.58
N PHE A 310 -0.35 14.23 -27.10
CA PHE A 310 -0.13 14.31 -25.66
C PHE A 310 -1.09 15.29 -25.02
N ARG A 311 -1.23 16.50 -25.61
CA ARG A 311 -2.13 17.52 -25.05
C ARG A 311 -3.58 17.07 -25.05
N SER A 312 -3.98 16.24 -26.02
CA SER A 312 -5.36 15.75 -26.15
C SER A 312 -5.80 14.92 -24.96
N THR A 313 -4.85 14.35 -24.19
CA THR A 313 -5.19 13.54 -23.02
C THR A 313 -5.81 14.38 -21.89
N MET A 314 -5.61 15.71 -21.94
CA MET A 314 -6.12 16.63 -20.93
C MET A 314 -7.63 16.85 -21.02
N LYS A 315 -8.23 16.93 -22.24
CA LYS A 315 -9.68 17.21 -22.33
C LYS A 315 -10.53 16.12 -21.64
N PRO A 316 -10.29 14.79 -21.82
CA PRO A 316 -11.07 13.78 -21.06
C PRO A 316 -10.95 13.92 -19.55
N VAL A 317 -9.79 14.37 -19.02
CA VAL A 317 -9.61 14.57 -17.58
C VAL A 317 -10.54 15.68 -17.13
N GLN A 318 -10.54 16.80 -17.87
CA GLN A 318 -11.41 17.93 -17.47
C GLN A 318 -12.88 17.55 -17.51
N LYS A 319 -13.28 16.77 -18.53
CA LYS A 319 -14.63 16.28 -18.73
C LYS A 319 -15.08 15.36 -17.59
N VAL A 320 -14.19 14.47 -17.09
CA VAL A 320 -14.60 13.58 -16.00
C VAL A 320 -14.86 14.39 -14.73
N LEU A 321 -14.07 15.45 -14.52
CA LEU A 321 -14.25 16.33 -13.35
C LEU A 321 -15.58 17.07 -13.46
N GLU A 322 -15.94 17.50 -14.66
CA GLU A 322 -17.21 18.24 -14.86
C GLU A 322 -18.38 17.26 -14.62
N ASP A 323 -18.30 16.04 -15.21
CA ASP A 323 -19.36 15.02 -15.04
C ASP A 323 -19.49 14.49 -13.60
N SER A 324 -18.46 14.71 -12.77
CA SER A 324 -18.45 14.29 -11.36
C SER A 324 -18.82 15.44 -10.44
N ASP A 325 -18.94 16.66 -10.99
CA ASP A 325 -19.21 17.90 -10.26
C ASP A 325 -18.12 18.11 -9.19
N LEU A 326 -16.86 17.84 -9.60
CA LEU A 326 -15.70 17.95 -8.74
C LEU A 326 -14.75 18.95 -9.34
N LYS A 327 -13.94 19.57 -8.47
CA LYS A 327 -12.94 20.55 -8.87
C LYS A 327 -11.60 19.84 -8.89
N LYS A 328 -10.59 20.42 -9.56
CA LYS A 328 -9.24 19.84 -9.62
C LYS A 328 -8.71 19.56 -8.21
N SER A 329 -8.90 20.53 -7.27
CA SER A 329 -8.50 20.44 -5.85
C SER A 329 -9.21 19.31 -5.06
N ASP A 330 -10.32 18.76 -5.56
CA ASP A 330 -11.03 17.65 -4.87
C ASP A 330 -10.35 16.30 -5.09
N ILE A 331 -9.40 16.23 -6.05
CA ILE A 331 -8.70 15.00 -6.37
C ILE A 331 -7.64 14.73 -5.33
N ASP A 332 -7.81 13.62 -4.59
CA ASP A 332 -6.87 13.25 -3.51
C ASP A 332 -5.71 12.42 -3.99
N GLU A 333 -5.94 11.54 -4.98
CA GLU A 333 -4.87 10.71 -5.53
C GLU A 333 -4.99 10.70 -7.05
N ILE A 334 -3.85 10.75 -7.77
CA ILE A 334 -3.84 10.59 -9.21
C ILE A 334 -3.07 9.29 -9.40
N VAL A 335 -3.68 8.29 -10.02
CA VAL A 335 -3.00 7.01 -10.24
C VAL A 335 -2.74 6.89 -11.74
N LEU A 336 -1.46 6.67 -12.11
CA LEU A 336 -1.07 6.48 -13.53
C LEU A 336 -0.91 5.00 -13.81
N VAL A 337 -1.63 4.53 -14.83
CA VAL A 337 -1.66 3.13 -15.31
C VAL A 337 -1.41 3.14 -16.82
N GLY A 338 -0.90 2.03 -17.36
CA GLY A 338 -0.59 1.95 -18.79
C GLY A 338 0.86 2.35 -19.05
N GLY A 339 1.55 1.58 -19.87
CA GLY A 339 2.98 1.76 -20.10
C GLY A 339 3.37 3.10 -20.66
N SER A 340 2.43 3.81 -21.35
CA SER A 340 2.74 5.12 -21.96
C SER A 340 2.84 6.25 -20.94
N THR A 341 2.35 6.01 -19.70
CA THR A 341 2.49 7.00 -18.65
C THR A 341 3.92 7.18 -18.20
N ARG A 342 4.85 6.35 -18.71
CA ARG A 342 6.28 6.52 -18.45
C ARG A 342 6.83 7.72 -19.21
N ILE A 343 6.13 8.18 -20.25
CA ILE A 343 6.62 9.32 -21.06
C ILE A 343 6.74 10.58 -20.16
N PRO A 344 7.96 11.16 -20.01
CA PRO A 344 8.08 12.35 -19.15
C PRO A 344 7.10 13.48 -19.49
N LYS A 345 6.84 13.77 -20.81
CA LYS A 345 5.91 14.84 -21.20
C LYS A 345 4.51 14.55 -20.69
N ILE A 346 4.07 13.26 -20.74
CA ILE A 346 2.75 12.86 -20.21
C ILE A 346 2.71 13.14 -18.70
N GLN A 347 3.74 12.71 -17.94
CA GLN A 347 3.75 12.98 -16.50
C GLN A 347 3.75 14.48 -16.23
N GLN A 348 4.48 15.26 -17.05
CA GLN A 348 4.54 16.72 -16.91
C GLN A 348 3.15 17.33 -17.11
N LEU A 349 2.44 16.92 -18.17
CA LEU A 349 1.11 17.44 -18.47
C LEU A 349 0.10 17.15 -17.37
N VAL A 350 0.14 15.93 -16.82
CA VAL A 350 -0.76 15.52 -15.72
C VAL A 350 -0.46 16.39 -14.48
N LYS A 351 0.81 16.50 -14.08
CA LYS A 351 1.22 17.33 -12.94
C LYS A 351 0.84 18.80 -13.13
N GLU A 352 1.00 19.35 -14.36
CA GLU A 352 0.66 20.75 -14.71
C GLU A 352 -0.84 20.95 -14.58
N PHE A 353 -1.65 19.98 -15.11
CA PHE A 353 -3.11 20.06 -15.04
C PHE A 353 -3.55 20.14 -13.59
N PHE A 354 -2.89 19.40 -12.71
CA PHE A 354 -3.29 19.36 -11.30
C PHE A 354 -2.50 20.34 -10.45
N ASN A 355 -1.98 21.41 -11.08
CA ASN A 355 -1.29 22.52 -10.39
C ASN A 355 -0.13 22.09 -9.48
N GLY A 356 0.67 21.15 -9.96
CA GLY A 356 1.85 20.66 -9.27
C GLY A 356 1.65 19.45 -8.40
N LYS A 357 0.42 18.92 -8.35
CA LYS A 357 0.15 17.70 -7.57
C LYS A 357 0.85 16.51 -8.21
N GLU A 358 1.64 15.80 -7.39
CA GLU A 358 2.42 14.63 -7.78
C GLU A 358 1.52 13.39 -7.85
N PRO A 359 1.50 12.67 -8.99
CA PRO A 359 0.69 11.43 -9.04
C PRO A 359 1.32 10.29 -8.22
N SER A 360 0.51 9.28 -7.91
CA SER A 360 0.91 8.08 -7.19
C SER A 360 1.82 7.33 -8.13
N ARG A 361 2.95 6.93 -7.59
CA ARG A 361 3.95 6.20 -8.35
C ARG A 361 4.46 5.08 -7.51
N GLY A 362 5.11 4.16 -8.18
CA GLY A 362 5.77 3.06 -7.53
C GLY A 362 5.39 1.71 -8.07
N ILE A 363 4.14 1.53 -8.53
CA ILE A 363 3.77 0.23 -9.08
C ILE A 363 3.87 0.27 -10.60
N ASN A 364 4.52 -0.74 -11.18
CA ASN A 364 4.71 -0.85 -12.64
C ASN A 364 3.36 -0.55 -13.30
N PRO A 365 3.25 0.49 -14.14
CA PRO A 365 1.92 0.86 -14.68
C PRO A 365 1.35 -0.18 -15.66
N ASP A 366 2.18 -1.11 -16.19
CA ASP A 366 1.65 -2.19 -17.08
C ASP A 366 1.04 -3.30 -16.22
N GLU A 367 1.44 -3.38 -14.95
CA GLU A 367 1.06 -4.50 -14.06
C GLU A 367 0.10 -4.17 -12.94
N ALA A 368 -0.14 -2.87 -12.66
CA ALA A 368 -0.96 -2.44 -11.52
C ALA A 368 -2.35 -3.05 -11.52
N VAL A 369 -2.96 -3.16 -12.74
CA VAL A 369 -4.33 -3.72 -12.82
C VAL A 369 -4.32 -5.20 -12.45
N ALA A 370 -3.39 -5.99 -13.03
CA ALA A 370 -3.28 -7.41 -12.68
C ALA A 370 -2.96 -7.57 -11.19
N TYR A 371 -2.11 -6.70 -10.65
CA TYR A 371 -1.73 -6.73 -9.24
C TYR A 371 -2.98 -6.59 -8.38
N GLY A 372 -3.84 -5.60 -8.68
CA GLY A 372 -5.07 -5.40 -7.93
C GLY A 372 -6.01 -6.58 -8.07
N ALA A 373 -6.10 -7.14 -9.28
CA ALA A 373 -6.93 -8.33 -9.50
C ALA A 373 -6.40 -9.52 -8.66
N ALA A 374 -5.06 -9.68 -8.60
CA ALA A 374 -4.43 -10.73 -7.75
C ALA A 374 -4.72 -10.52 -6.23
N VAL A 375 -4.79 -9.28 -5.76
CA VAL A 375 -5.12 -8.97 -4.36
C VAL A 375 -6.51 -9.48 -4.06
N GLN A 376 -7.45 -9.20 -4.97
CA GLN A 376 -8.83 -9.69 -4.79
C GLN A 376 -8.91 -11.23 -4.92
N ALA A 377 -8.13 -11.81 -5.83
CA ALA A 377 -8.05 -13.26 -6.03
C ALA A 377 -7.52 -13.93 -4.73
N GLY A 378 -6.63 -13.27 -3.99
CA GLY A 378 -6.09 -13.82 -2.75
C GLY A 378 -7.14 -13.91 -1.66
N VAL A 379 -8.03 -12.92 -1.61
CA VAL A 379 -9.15 -12.90 -0.66
C VAL A 379 -10.08 -14.09 -0.96
N LEU A 380 -10.34 -14.33 -2.25
CA LEU A 380 -11.25 -15.40 -2.67
C LEU A 380 -10.71 -16.81 -2.54
N SER A 381 -9.37 -16.99 -2.60
CA SER A 381 -8.74 -18.30 -2.51
C SER A 381 -8.85 -18.89 -1.10
N GLY A 382 -9.01 -18.02 -0.10
CA GLY A 382 -9.21 -18.39 1.29
C GLY A 382 -7.97 -18.86 2.01
N VAL B 2 5.92 -23.67 10.85
CA VAL B 2 5.86 -22.45 11.67
C VAL B 2 4.40 -22.12 12.05
N GLY B 3 3.45 -22.79 11.39
CA GLY B 3 2.01 -22.58 11.56
C GLY B 3 1.64 -21.18 11.11
N THR B 4 0.70 -20.54 11.81
CA THR B 4 0.29 -19.17 11.53
C THR B 4 1.19 -18.25 12.36
N VAL B 5 2.11 -17.56 11.69
CA VAL B 5 3.07 -16.63 12.33
C VAL B 5 2.30 -15.36 12.65
N VAL B 6 2.47 -14.85 13.88
CA VAL B 6 1.80 -13.62 14.31
C VAL B 6 2.77 -12.45 14.25
N GLY B 7 2.22 -11.23 14.11
CA GLY B 7 3.01 -10.00 14.12
C GLY B 7 2.72 -9.28 15.43
N ILE B 8 3.75 -8.98 16.21
CA ILE B 8 3.55 -8.34 17.49
C ILE B 8 4.32 -7.02 17.63
N ASP B 9 3.58 -5.97 17.99
CA ASP B 9 4.14 -4.68 18.36
C ASP B 9 4.24 -4.76 19.88
N LEU B 10 5.46 -5.03 20.39
CA LEU B 10 5.66 -5.12 21.83
C LEU B 10 6.07 -3.76 22.31
N GLY B 11 5.07 -2.95 22.65
CA GLY B 11 5.29 -1.55 23.00
C GLY B 11 5.71 -1.31 24.43
N THR B 12 6.29 -0.12 24.66
CA THR B 12 6.71 0.30 26.00
C THR B 12 5.51 0.30 26.95
N THR B 13 4.39 0.91 26.54
CA THR B 13 3.21 0.97 27.39
C THR B 13 2.03 0.13 26.87
N TYR B 14 1.94 -0.07 25.53
CA TYR B 14 0.83 -0.80 24.92
C TYR B 14 1.33 -1.69 23.83
N SER B 15 0.70 -2.84 23.70
CA SER B 15 1.06 -3.83 22.70
C SER B 15 -0.13 -4.18 21.81
N CYS B 16 0.16 -4.67 20.60
CA CYS B 16 -0.85 -5.01 19.61
C CYS B 16 -0.36 -6.25 18.85
N VAL B 17 -1.30 -7.16 18.55
CA VAL B 17 -1.02 -8.38 17.79
C VAL B 17 -1.92 -8.50 16.56
N GLY B 18 -1.29 -8.80 15.44
CA GLY B 18 -1.97 -8.97 14.17
C GLY B 18 -1.62 -10.33 13.56
N VAL B 19 -2.50 -10.83 12.73
CA VAL B 19 -2.28 -12.09 12.01
C VAL B 19 -2.67 -11.97 10.56
N PHE B 20 -1.98 -12.71 9.68
CA PHE B 20 -2.40 -12.85 8.29
C PHE B 20 -3.10 -14.21 8.25
N LYS B 21 -4.41 -14.21 8.07
CA LYS B 21 -5.24 -15.43 8.08
C LYS B 21 -6.31 -15.33 6.99
N ASN B 22 -6.65 -16.45 6.33
CA ASN B 22 -7.68 -16.50 5.26
C ASN B 22 -7.57 -15.32 4.27
N GLY B 23 -6.34 -15.05 3.84
CA GLY B 23 -6.01 -14.02 2.85
C GLY B 23 -6.07 -12.56 3.22
N ARG B 24 -6.06 -12.20 4.53
CA ARG B 24 -6.08 -10.77 4.92
C ARG B 24 -5.44 -10.57 6.30
N VAL B 25 -5.04 -9.31 6.61
CA VAL B 25 -4.47 -8.91 7.91
C VAL B 25 -5.62 -8.59 8.85
N GLU B 26 -5.60 -9.22 10.04
CA GLU B 26 -6.59 -8.98 11.08
C GLU B 26 -5.82 -8.58 12.33
N ILE B 27 -6.20 -7.43 12.90
CA ILE B 27 -5.69 -6.96 14.17
C ILE B 27 -6.65 -7.61 15.18
N ILE B 28 -6.10 -8.35 16.13
CA ILE B 28 -6.86 -9.18 17.06
C ILE B 28 -7.30 -8.51 18.37
N ALA B 29 -8.58 -8.63 18.71
CA ALA B 29 -9.10 -8.14 19.98
C ALA B 29 -8.83 -9.19 21.07
N ASN B 30 -8.36 -8.75 22.25
CA ASN B 30 -8.10 -9.61 23.41
C ASN B 30 -9.42 -10.06 24.07
N ASP B 31 -9.32 -10.80 25.20
CA ASP B 31 -10.45 -11.32 26.00
C ASP B 31 -11.44 -10.23 26.43
N GLN B 32 -10.98 -8.97 26.51
CA GLN B 32 -11.79 -7.82 26.89
C GLN B 32 -12.30 -7.02 25.69
N GLY B 33 -12.19 -7.60 24.48
CA GLY B 33 -12.61 -6.96 23.23
C GLY B 33 -11.75 -5.77 22.84
N ASN B 34 -10.49 -5.77 23.29
CA ASN B 34 -9.58 -4.67 23.01
C ASN B 34 -8.45 -5.07 22.09
N ARG B 35 -8.24 -4.26 21.03
CA ARG B 35 -7.20 -4.50 20.01
C ARG B 35 -5.82 -4.05 20.47
N ILE B 36 -5.75 -3.39 21.64
CA ILE B 36 -4.50 -2.92 22.25
C ILE B 36 -4.53 -3.40 23.70
N THR B 37 -3.41 -4.00 24.12
CA THR B 37 -3.25 -4.54 25.46
C THR B 37 -2.12 -3.81 26.13
N PRO B 38 -2.39 -3.25 27.33
CA PRO B 38 -1.33 -2.55 28.07
C PRO B 38 -0.19 -3.51 28.42
N SER B 39 1.06 -3.03 28.32
CA SER B 39 2.27 -3.83 28.60
C SER B 39 2.52 -3.80 30.12
N TYR B 40 1.49 -4.20 30.89
CA TYR B 40 1.48 -4.15 32.35
C TYR B 40 1.39 -5.55 32.97
N VAL B 41 2.16 -5.78 34.05
CA VAL B 41 2.17 -7.04 34.81
C VAL B 41 2.03 -6.65 36.29
N ALA B 42 1.07 -7.21 36.99
CA ALA B 42 0.87 -6.90 38.42
C ALA B 42 0.85 -8.14 39.24
N PHE B 43 1.35 -8.03 40.45
CA PHE B 43 1.37 -9.12 41.40
C PHE B 43 0.46 -8.62 42.52
N THR B 44 -0.73 -9.23 42.68
CA THR B 44 -1.71 -8.77 43.68
C THR B 44 -1.32 -9.22 45.08
N PRO B 45 -1.84 -8.59 46.17
CA PRO B 45 -1.49 -9.06 47.52
C PRO B 45 -1.89 -10.53 47.76
N GLU B 46 -2.98 -11.00 47.11
CA GLU B 46 -3.45 -12.39 47.19
C GLU B 46 -2.48 -13.34 46.45
N GLY B 47 -1.57 -12.79 45.66
CA GLY B 47 -0.59 -13.58 44.92
C GLY B 47 -1.03 -13.95 43.53
N GLU B 48 -2.06 -13.27 43.01
CA GLU B 48 -2.59 -13.50 41.67
C GLU B 48 -1.71 -12.66 40.69
N ARG B 49 -1.34 -13.24 39.54
CA ARG B 49 -0.53 -12.52 38.56
C ARG B 49 -1.47 -11.98 37.47
N LEU B 50 -1.54 -10.66 37.31
CA LEU B 50 -2.39 -10.02 36.32
C LEU B 50 -1.57 -9.44 35.16
N ILE B 51 -2.07 -9.55 33.92
CA ILE B 51 -1.39 -9.02 32.73
C ILE B 51 -2.39 -8.18 31.93
N GLY B 52 -1.92 -7.08 31.34
CA GLY B 52 -2.79 -6.28 30.48
C GLY B 52 -3.64 -5.29 31.23
N ASP B 53 -4.90 -5.10 30.77
CA ASP B 53 -5.84 -4.14 31.36
C ASP B 53 -6.17 -4.43 32.80
N ALA B 54 -6.23 -5.72 33.19
CA ALA B 54 -6.49 -6.11 34.58
C ALA B 54 -5.38 -5.56 35.48
N ALA B 55 -4.11 -5.58 35.00
CA ALA B 55 -2.95 -5.03 35.71
C ALA B 55 -2.97 -3.48 35.75
N LYS B 56 -3.20 -2.83 34.60
CA LYS B 56 -3.25 -1.36 34.52
C LYS B 56 -4.33 -0.78 35.44
N ASN B 57 -5.54 -1.40 35.45
CA ASN B 57 -6.71 -0.96 36.22
C ASN B 57 -6.53 -1.00 37.73
N GLN B 58 -5.53 -1.76 38.23
CA GLN B 58 -5.30 -1.90 39.67
C GLN B 58 -4.01 -1.15 40.15
N LEU B 59 -3.28 -0.45 39.23
CA LEU B 59 -2.05 0.30 39.56
C LEU B 59 -2.19 1.24 40.76
N THR B 60 -3.30 2.01 40.85
CA THR B 60 -3.59 2.93 41.94
C THR B 60 -3.56 2.19 43.29
N SER B 61 -4.07 0.93 43.32
CA SER B 61 -4.12 0.07 44.53
C SER B 61 -2.76 -0.47 44.95
N ASN B 62 -1.87 -0.87 43.99
CA ASN B 62 -0.52 -1.34 44.33
C ASN B 62 0.51 -0.67 43.43
N PRO B 63 0.95 0.55 43.86
CA PRO B 63 1.91 1.31 43.04
C PRO B 63 3.32 0.73 42.96
N GLU B 64 3.68 -0.21 43.85
CA GLU B 64 5.02 -0.80 43.88
C GLU B 64 5.13 -2.16 43.19
N ASN B 65 4.03 -2.94 43.14
CA ASN B 65 4.02 -4.28 42.55
C ASN B 65 3.28 -4.35 41.20
N THR B 66 3.13 -3.19 40.51
CA THR B 66 2.55 -3.10 39.16
C THR B 66 3.67 -2.66 38.25
N VAL B 67 4.08 -3.56 37.37
CA VAL B 67 5.19 -3.39 36.47
C VAL B 67 4.70 -2.94 35.10
N PHE B 68 5.40 -1.97 34.54
CA PHE B 68 5.13 -1.45 33.20
C PHE B 68 6.42 -0.82 32.70
N ASP B 69 6.52 -0.52 31.39
CA ASP B 69 7.72 0.09 30.82
C ASP B 69 9.02 -0.74 31.03
N ALA B 70 8.92 -2.09 31.11
CA ALA B 70 10.11 -2.96 31.22
C ALA B 70 10.97 -2.77 29.95
N LYS B 71 10.34 -2.38 28.82
CA LYS B 71 11.02 -2.14 27.56
C LYS B 71 12.08 -1.02 27.72
N ARG B 72 11.89 -0.12 28.68
CA ARG B 72 12.87 0.93 28.95
C ARG B 72 14.19 0.37 29.41
N LEU B 73 14.15 -0.82 30.08
CA LEU B 73 15.28 -1.48 30.73
C LEU B 73 15.82 -2.69 29.98
N ILE B 74 15.03 -3.27 29.05
CA ILE B 74 15.39 -4.50 28.34
C ILE B 74 16.70 -4.35 27.53
N GLY B 75 17.58 -5.32 27.70
CA GLY B 75 18.87 -5.37 27.02
C GLY B 75 19.91 -4.35 27.46
N ARG B 76 19.66 -3.62 28.53
CA ARG B 76 20.59 -2.59 28.97
C ARG B 76 21.45 -3.01 30.15
N THR B 77 22.60 -2.35 30.35
CA THR B 77 23.46 -2.64 31.50
C THR B 77 23.19 -1.59 32.59
N TRP B 78 23.57 -1.87 33.84
CA TRP B 78 23.31 -0.97 34.98
C TRP B 78 23.81 0.45 34.82
N ASN B 79 25.06 0.61 34.36
CA ASN B 79 25.67 1.94 34.24
C ASN B 79 25.24 2.72 33.00
N ASP B 80 24.32 2.14 32.17
CA ASP B 80 23.77 2.81 30.99
C ASP B 80 23.01 4.05 31.53
N PRO B 81 23.38 5.29 31.12
CA PRO B 81 22.74 6.49 31.69
C PRO B 81 21.20 6.48 31.62
N SER B 82 20.67 5.82 30.58
CA SER B 82 19.23 5.65 30.36
C SER B 82 18.60 4.88 31.52
N VAL B 83 19.27 3.80 31.99
CA VAL B 83 18.78 2.99 33.12
C VAL B 83 18.73 3.82 34.42
N GLN B 84 19.80 4.60 34.69
CA GLN B 84 19.93 5.39 35.92
C GLN B 84 18.88 6.51 36.02
N GLN B 85 18.39 7.02 34.89
CA GLN B 85 17.35 8.05 34.89
C GLN B 85 15.97 7.39 34.99
N ASP B 86 15.77 6.26 34.28
CA ASP B 86 14.50 5.57 34.28
C ASP B 86 14.12 5.03 35.64
N ILE B 87 15.08 4.47 36.40
CA ILE B 87 14.87 3.95 37.76
C ILE B 87 14.29 5.03 38.70
N LYS B 88 14.62 6.32 38.45
CA LYS B 88 14.12 7.43 39.25
C LYS B 88 12.62 7.67 39.02
N PHE B 89 12.15 7.48 37.76
CA PHE B 89 10.77 7.68 37.35
C PHE B 89 9.84 6.48 37.55
N LEU B 90 10.40 5.26 37.57
CA LEU B 90 9.55 4.06 37.72
C LEU B 90 9.13 3.83 39.18
N PRO B 91 7.83 3.58 39.44
CA PRO B 91 7.37 3.44 40.84
C PRO B 91 7.70 2.11 41.52
N PHE B 92 8.12 1.10 40.75
CA PHE B 92 8.51 -0.20 41.28
C PHE B 92 10.02 -0.20 41.48
N LYS B 93 10.52 -1.09 42.35
CA LYS B 93 11.95 -1.19 42.63
C LYS B 93 12.72 -1.84 41.49
N VAL B 94 13.85 -1.21 41.11
CA VAL B 94 14.79 -1.70 40.12
C VAL B 94 16.16 -1.77 40.84
N VAL B 95 16.81 -2.96 40.81
CA VAL B 95 18.08 -3.28 41.49
C VAL B 95 19.15 -3.81 40.51
N GLU B 96 20.45 -3.61 40.84
CA GLU B 96 21.60 -4.09 40.04
C GLU B 96 21.91 -5.55 40.32
N LYS B 97 22.01 -6.38 39.26
CA LYS B 97 22.43 -7.77 39.44
C LYS B 97 23.43 -8.12 38.34
N LYS B 98 24.71 -8.41 38.73
CA LYS B 98 25.82 -8.71 37.81
C LYS B 98 25.92 -7.63 36.69
N THR B 99 25.89 -6.36 37.10
CA THR B 99 25.96 -5.14 36.28
C THR B 99 24.73 -4.93 35.35
N LYS B 100 23.53 -5.47 35.71
CA LYS B 100 22.31 -5.30 34.89
C LYS B 100 21.07 -4.91 35.70
N PRO B 101 20.14 -4.10 35.12
CA PRO B 101 18.90 -3.77 35.85
C PRO B 101 17.94 -4.98 35.97
N TYR B 102 17.39 -5.17 37.17
CA TYR B 102 16.44 -6.22 37.51
C TYR B 102 15.28 -5.58 38.27
N ILE B 103 14.06 -6.08 38.05
CA ILE B 103 12.82 -5.54 38.64
C ILE B 103 12.43 -6.35 39.86
N GLN B 104 12.38 -5.69 41.02
CA GLN B 104 12.11 -6.37 42.30
C GLN B 104 10.68 -6.12 42.73
N VAL B 105 9.91 -7.20 43.00
CA VAL B 105 8.52 -7.10 43.43
C VAL B 105 8.15 -8.10 44.55
N ASP B 106 7.03 -7.83 45.22
CA ASP B 106 6.43 -8.71 46.21
C ASP B 106 5.36 -9.51 45.45
N ILE B 107 5.59 -10.83 45.27
CA ILE B 107 4.65 -11.70 44.54
C ILE B 107 3.51 -12.21 45.47
N GLY B 108 3.46 -11.68 46.70
CA GLY B 108 2.44 -12.01 47.69
C GLY B 108 2.96 -12.73 48.90
N GLY B 109 2.43 -12.34 50.06
CA GLY B 109 2.79 -12.91 51.37
C GLY B 109 4.20 -12.61 51.82
N GLY B 110 4.73 -11.46 51.41
CA GLY B 110 6.08 -11.03 51.76
C GLY B 110 7.20 -11.63 50.91
N GLN B 111 6.85 -12.57 50.00
CA GLN B 111 7.80 -13.23 49.09
C GLN B 111 8.31 -12.24 48.04
N THR B 112 9.60 -11.88 48.14
CA THR B 112 10.29 -10.93 47.26
C THR B 112 10.91 -11.70 46.09
N LYS B 113 10.65 -11.27 44.84
CA LYS B 113 11.21 -11.88 43.63
C LYS B 113 11.84 -10.83 42.73
N THR B 114 12.94 -11.20 42.06
CA THR B 114 13.60 -10.32 41.09
C THR B 114 13.44 -10.91 39.69
N PHE B 115 13.15 -10.04 38.73
CA PHE B 115 12.86 -10.39 37.33
C PHE B 115 13.72 -9.63 36.36
N ALA B 116 14.26 -10.34 35.37
CA ALA B 116 14.99 -9.66 34.32
C ALA B 116 13.92 -8.89 33.52
N PRO B 117 14.22 -7.72 32.91
CA PRO B 117 13.17 -7.05 32.10
C PRO B 117 12.59 -7.98 31.04
N GLU B 118 13.43 -8.88 30.47
CA GLU B 118 12.98 -9.84 29.46
C GLU B 118 11.96 -10.84 30.02
N GLU B 119 11.96 -11.07 31.35
CA GLU B 119 11.01 -12.00 31.99
C GLU B 119 9.65 -11.32 32.11
N ILE B 120 9.64 -9.99 32.31
CA ILE B 120 8.38 -9.23 32.35
C ILE B 120 7.81 -9.17 30.94
N SER B 121 8.65 -8.85 29.95
CA SER B 121 8.24 -8.79 28.54
C SER B 121 7.78 -10.16 28.06
N ALA B 122 8.34 -11.24 28.63
CA ALA B 122 7.88 -12.59 28.29
C ALA B 122 6.43 -12.78 28.76
N MET B 123 6.05 -12.19 29.92
CA MET B 123 4.69 -12.31 30.46
C MET B 123 3.70 -11.56 29.58
N VAL B 124 4.07 -10.35 29.11
CA VAL B 124 3.26 -9.56 28.17
C VAL B 124 3.13 -10.36 26.85
N LEU B 125 4.25 -10.97 26.38
CA LEU B 125 4.23 -11.76 25.13
C LEU B 125 3.35 -13.00 25.24
N THR B 126 3.32 -13.62 26.44
CA THR B 126 2.45 -14.76 26.69
C THR B 126 0.99 -14.33 26.49
N LYS B 127 0.63 -13.14 27.01
CA LYS B 127 -0.72 -12.57 26.88
C LYS B 127 -1.07 -12.31 25.42
N MET B 128 -0.12 -11.71 24.63
CA MET B 128 -0.37 -11.46 23.21
C MET B 128 -0.54 -12.77 22.46
N LYS B 129 0.27 -13.79 22.80
CA LYS B 129 0.20 -15.15 22.23
C LYS B 129 -1.18 -15.76 22.52
N GLU B 130 -1.65 -15.69 23.78
CA GLU B 130 -2.96 -16.20 24.20
C GLU B 130 -4.12 -15.55 23.45
N THR B 131 -4.06 -14.22 23.26
CA THR B 131 -5.04 -13.40 22.54
C THR B 131 -5.18 -13.91 21.10
N ALA B 132 -4.02 -14.19 20.44
CA ALA B 132 -4.00 -14.70 19.07
C ALA B 132 -4.51 -16.13 19.03
N GLU B 133 -4.10 -16.98 20.00
CA GLU B 133 -4.54 -18.38 20.05
C GLU B 133 -6.04 -18.52 20.28
N ALA B 134 -6.63 -17.60 21.10
CA ALA B 134 -8.06 -17.60 21.41
C ALA B 134 -8.85 -17.22 20.15
N TYR B 135 -8.32 -16.27 19.35
CA TYR B 135 -8.96 -15.86 18.09
C TYR B 135 -8.82 -16.93 16.99
N LEU B 136 -7.62 -17.51 16.86
CA LEU B 136 -7.33 -18.51 15.82
C LEU B 136 -7.82 -19.91 16.13
N GLY B 137 -7.99 -20.26 17.41
CA GLY B 137 -8.41 -21.61 17.80
C GLY B 137 -7.34 -22.64 17.54
N LYS B 138 -6.05 -22.23 17.62
CA LYS B 138 -4.88 -23.10 17.41
C LYS B 138 -3.67 -22.54 18.13
N LYS B 139 -2.71 -23.41 18.47
CA LYS B 139 -1.50 -22.96 19.16
C LYS B 139 -0.63 -22.10 18.24
N VAL B 140 -0.08 -20.99 18.78
CA VAL B 140 0.83 -20.10 18.05
C VAL B 140 2.23 -20.37 18.59
N THR B 141 3.16 -20.61 17.68
CA THR B 141 4.52 -20.98 18.04
C THR B 141 5.58 -20.01 17.55
N HIS B 142 5.24 -19.21 16.53
CA HIS B 142 6.21 -18.36 15.87
C HIS B 142 5.67 -16.94 15.69
N ALA B 143 6.59 -15.96 15.76
CA ALA B 143 6.21 -14.57 15.68
C ALA B 143 7.26 -13.69 15.02
N VAL B 144 6.82 -12.53 14.54
CA VAL B 144 7.66 -11.44 14.09
C VAL B 144 7.38 -10.37 15.18
N VAL B 145 8.46 -9.84 15.81
CA VAL B 145 8.26 -8.86 16.88
C VAL B 145 8.98 -7.57 16.49
N THR B 146 8.34 -6.43 16.72
CA THR B 146 8.96 -5.15 16.37
C THR B 146 9.73 -4.57 17.54
N VAL B 147 10.69 -3.70 17.23
CA VAL B 147 11.48 -3.01 18.25
C VAL B 147 11.75 -1.58 17.78
N PRO B 148 12.14 -0.67 18.67
CA PRO B 148 12.51 0.68 18.19
C PRO B 148 13.77 0.61 17.31
N ALA B 149 13.84 1.48 16.31
CA ALA B 149 14.94 1.47 15.34
C ALA B 149 16.30 1.69 15.98
N TYR B 150 16.32 2.39 17.15
CA TYR B 150 17.57 2.66 17.86
C TYR B 150 18.10 1.44 18.65
N PHE B 151 17.29 0.37 18.80
CA PHE B 151 17.69 -0.83 19.54
C PHE B 151 19.02 -1.39 19.00
N ASN B 152 19.96 -1.66 19.91
CA ASN B 152 21.27 -2.24 19.59
C ASN B 152 21.14 -3.79 19.56
N ASP B 153 22.21 -4.51 19.21
CA ASP B 153 22.17 -5.98 19.14
C ASP B 153 21.67 -6.64 20.45
N ALA B 154 22.10 -6.12 21.64
CA ALA B 154 21.72 -6.64 22.96
C ALA B 154 20.23 -6.53 23.21
N GLN B 155 19.66 -5.35 22.91
CA GLN B 155 18.23 -5.12 23.09
C GLN B 155 17.40 -6.00 22.15
N ARG B 156 17.88 -6.23 20.91
CA ARG B 156 17.22 -7.10 19.94
C ARG B 156 17.27 -8.56 20.43
N GLN B 157 18.43 -9.02 20.89
CA GLN B 157 18.59 -10.39 21.38
C GLN B 157 17.75 -10.60 22.65
N ALA B 158 17.71 -9.60 23.55
CA ALA B 158 16.91 -9.70 24.77
C ALA B 158 15.41 -9.78 24.43
N THR B 159 14.97 -9.08 23.36
CA THR B 159 13.56 -9.20 22.93
C THR B 159 13.33 -10.63 22.39
N LYS B 160 14.31 -11.20 21.64
CA LYS B 160 14.22 -12.58 21.16
C LYS B 160 14.13 -13.55 22.35
N ASP B 161 14.93 -13.29 23.42
CA ASP B 161 14.94 -14.13 24.63
C ASP B 161 13.61 -14.07 25.35
N ALA B 162 12.98 -12.86 25.40
CA ALA B 162 11.66 -12.69 26.00
C ALA B 162 10.68 -13.62 25.25
N GLY B 163 10.80 -13.68 23.92
CA GLY B 163 9.99 -14.56 23.09
C GLY B 163 10.18 -16.03 23.45
N THR B 164 11.45 -16.46 23.59
CA THR B 164 11.84 -17.84 23.96
C THR B 164 11.20 -18.24 25.31
N ILE B 165 11.19 -17.32 26.29
CA ILE B 165 10.60 -17.62 27.61
C ILE B 165 9.08 -17.85 27.45
N ALA B 166 8.42 -17.02 26.62
CA ALA B 166 6.98 -17.07 26.32
C ALA B 166 6.58 -18.22 25.37
N GLY B 167 7.54 -19.02 24.94
CA GLY B 167 7.31 -20.16 24.03
C GLY B 167 7.15 -19.74 22.58
N LEU B 168 7.71 -18.58 22.22
CA LEU B 168 7.65 -18.05 20.85
C LEU B 168 9.00 -18.06 20.20
N ASN B 169 9.08 -18.60 18.99
CA ASN B 169 10.29 -18.51 18.22
C ASN B 169 10.13 -17.19 17.47
N VAL B 170 10.87 -16.16 17.91
CA VAL B 170 10.81 -14.85 17.24
C VAL B 170 11.69 -14.93 16.01
N MET B 171 11.06 -15.27 14.88
CA MET B 171 11.67 -15.44 13.56
C MET B 171 12.40 -14.22 13.03
N ARG B 172 11.79 -13.04 13.21
CA ARG B 172 12.39 -11.79 12.75
C ARG B 172 12.16 -10.73 13.81
N ILE B 173 13.18 -9.91 14.02
CA ILE B 173 13.07 -8.70 14.82
C ILE B 173 13.02 -7.59 13.75
N ILE B 174 11.92 -6.81 13.68
CA ILE B 174 11.83 -5.75 12.67
C ILE B 174 11.68 -4.38 13.32
N ASN B 175 12.25 -3.32 12.71
CA ASN B 175 12.11 -1.97 13.29
C ASN B 175 10.67 -1.48 13.19
N GLU B 176 10.19 -0.83 14.28
CA GLU B 176 8.86 -0.24 14.35
C GLU B 176 8.59 0.71 13.19
N PRO B 177 9.46 1.69 12.82
CA PRO B 177 9.08 2.62 11.73
C PRO B 177 8.99 1.89 10.38
N THR B 178 9.87 0.88 10.20
CA THR B 178 9.85 0.03 9.01
C THR B 178 8.53 -0.72 8.94
N ALA B 179 8.06 -1.32 10.07
CA ALA B 179 6.76 -2.02 10.10
C ALA B 179 5.61 -1.05 9.68
N ALA B 180 5.63 0.21 10.19
CA ALA B 180 4.61 1.19 9.86
C ALA B 180 4.66 1.49 8.37
N ALA B 181 5.88 1.63 7.77
CA ALA B 181 6.02 1.86 6.32
C ALA B 181 5.44 0.69 5.53
N ILE B 182 5.73 -0.57 5.97
CA ILE B 182 5.25 -1.78 5.32
C ILE B 182 3.72 -1.80 5.37
N ALA B 183 3.12 -1.37 6.48
CA ALA B 183 1.64 -1.32 6.57
C ALA B 183 1.05 -0.47 5.43
N TYR B 184 1.68 0.65 5.10
CA TYR B 184 1.26 1.57 4.03
C TYR B 184 1.69 1.13 2.61
N GLY B 185 2.33 -0.02 2.52
CA GLY B 185 2.76 -0.62 1.24
C GLY B 185 3.94 0.11 0.61
N LEU B 186 4.65 0.95 1.39
CA LEU B 186 5.78 1.76 0.88
C LEU B 186 6.99 0.93 0.42
N ASP B 187 7.08 -0.33 0.83
CA ASP B 187 8.16 -1.22 0.37
C ASP B 187 7.85 -1.88 -0.98
N LYS B 188 6.59 -1.80 -1.44
CA LYS B 188 6.14 -2.42 -2.69
C LYS B 188 6.09 -1.40 -3.83
N ARG B 189 7.14 -0.56 -3.89
CA ARG B 189 7.24 0.51 -4.84
C ARG B 189 8.60 0.47 -5.51
N GLU B 190 8.65 0.89 -6.78
CA GLU B 190 9.86 0.97 -7.62
C GLU B 190 10.61 2.21 -7.18
N GLY B 191 11.93 2.20 -7.33
CA GLY B 191 12.70 3.40 -7.02
C GLY B 191 13.13 3.59 -5.59
N GLU B 192 13.55 4.82 -5.27
CA GLU B 192 14.12 5.19 -3.98
C GLU B 192 13.40 6.38 -3.39
N LYS B 193 13.00 6.27 -2.11
CA LYS B 193 12.28 7.33 -1.41
C LYS B 193 12.82 7.51 -0.01
N ASN B 194 12.64 8.70 0.57
CA ASN B 194 13.03 9.01 1.95
C ASN B 194 11.73 9.11 2.73
N ILE B 195 11.63 8.38 3.84
CA ILE B 195 10.42 8.30 4.62
C ILE B 195 10.69 8.83 6.02
N LEU B 196 9.82 9.73 6.48
CA LEU B 196 9.95 10.28 7.84
C LEU B 196 8.84 9.63 8.65
N VAL B 197 9.20 8.90 9.70
CA VAL B 197 8.20 8.26 10.58
C VAL B 197 8.20 9.04 11.88
N PHE B 198 7.03 9.59 12.23
CA PHE B 198 6.82 10.42 13.43
C PHE B 198 5.91 9.63 14.38
N ASP B 199 6.49 9.08 15.45
CA ASP B 199 5.79 8.18 16.34
C ASP B 199 5.63 8.82 17.74
N LEU B 200 4.41 9.26 18.03
CA LEU B 200 4.14 9.90 19.31
C LEU B 200 3.14 9.06 20.06
N GLY B 201 3.60 8.37 21.10
CA GLY B 201 2.79 7.45 21.87
C GLY B 201 2.33 8.00 23.20
N GLY B 202 2.17 7.10 24.16
CA GLY B 202 1.70 7.48 25.49
C GLY B 202 2.80 8.02 26.36
N GLY B 203 4.04 7.57 26.14
CA GLY B 203 5.13 8.02 27.00
C GLY B 203 6.42 8.32 26.30
N THR B 204 6.51 7.97 25.00
CA THR B 204 7.72 8.16 24.21
C THR B 204 7.44 8.83 22.88
N PHE B 205 8.45 9.53 22.35
CA PHE B 205 8.37 10.19 21.05
C PHE B 205 9.59 9.72 20.24
N ASP B 206 9.37 9.05 19.08
CA ASP B 206 10.45 8.58 18.24
C ASP B 206 10.27 9.13 16.86
N VAL B 207 11.36 9.65 16.28
CA VAL B 207 11.41 10.11 14.90
C VAL B 207 12.46 9.29 14.20
N SER B 208 12.09 8.70 13.06
CA SER B 208 13.08 7.93 12.29
C SER B 208 13.07 8.36 10.81
N LEU B 209 14.28 8.48 10.22
CA LEU B 209 14.42 8.77 8.78
C LEU B 209 14.85 7.45 8.14
N LEU B 210 13.98 6.91 7.25
CA LEU B 210 14.26 5.67 6.53
C LEU B 210 14.44 5.95 5.04
N THR B 211 15.24 5.13 4.35
CA THR B 211 15.29 5.17 2.90
C THR B 211 14.77 3.84 2.43
N ASP B 213 14.71 1.57 -0.96
CA ASP B 213 15.44 1.42 -2.22
C ASP B 213 15.11 0.03 -2.75
N ASN B 214 14.28 -0.02 -3.78
CA ASN B 214 13.86 -1.29 -4.40
C ASN B 214 13.49 -2.38 -3.36
N GLY B 215 12.60 -2.01 -2.44
CA GLY B 215 12.08 -2.91 -1.42
C GLY B 215 12.90 -3.12 -0.16
N VAL B 216 14.13 -2.55 -0.10
CA VAL B 216 15.03 -2.70 1.04
C VAL B 216 15.06 -1.41 1.87
N PHE B 217 14.92 -1.54 3.19
CA PHE B 217 14.94 -0.38 4.09
C PHE B 217 16.31 -0.18 4.72
N GLU B 218 16.64 1.09 4.99
CA GLU B 218 17.83 1.50 5.73
C GLU B 218 17.38 2.55 6.74
N VAL B 219 17.78 2.39 8.01
CA VAL B 219 17.48 3.40 9.04
C VAL B 219 18.65 4.38 8.97
N VAL B 220 18.40 5.59 8.52
CA VAL B 220 19.51 6.55 8.36
C VAL B 220 19.79 7.30 9.65
N ALA B 221 18.73 7.75 10.33
CA ALA B 221 18.85 8.54 11.54
C ALA B 221 17.64 8.33 12.43
N THR B 222 17.87 8.40 13.74
CA THR B 222 16.81 8.32 14.75
C THR B 222 16.99 9.44 15.74
N ASN B 223 15.87 9.94 16.30
CA ASN B 223 15.89 10.98 17.34
C ASN B 223 14.51 10.91 18.03
N GLY B 224 14.24 11.88 18.90
CA GLY B 224 12.98 11.93 19.61
C GLY B 224 13.17 12.43 21.02
N ASP B 225 12.30 12.01 21.93
CA ASP B 225 12.34 12.35 23.34
C ASP B 225 11.81 11.10 24.05
N THR B 226 12.65 10.45 24.86
CA THR B 226 12.30 9.20 25.54
C THR B 226 11.23 9.38 26.64
N HIS B 227 10.97 10.63 27.04
CA HIS B 227 10.02 10.93 28.12
C HIS B 227 9.02 12.01 27.69
N LEU B 228 8.45 11.84 26.50
CA LEU B 228 7.43 12.76 26.00
C LEU B 228 6.37 11.98 25.26
N GLY B 229 5.14 12.11 25.70
CA GLY B 229 4.02 11.44 25.06
C GLY B 229 2.70 11.93 25.58
N GLY B 230 1.63 11.21 25.24
CA GLY B 230 0.28 11.55 25.70
C GLY B 230 0.12 11.75 27.20
N GLU B 231 0.85 10.95 27.99
CA GLU B 231 0.78 11.08 29.44
C GLU B 231 1.22 12.47 29.92
N ASP B 232 2.23 13.05 29.24
CA ASP B 232 2.71 14.39 29.59
C ASP B 232 1.64 15.45 29.33
N PHE B 233 0.88 15.29 28.23
CA PHE B 233 -0.21 16.21 27.87
C PHE B 233 -1.32 16.09 28.89
N ASP B 234 -1.59 14.87 29.37
CA ASP B 234 -2.60 14.68 30.43
C ASP B 234 -2.13 15.33 31.73
N GLN B 235 -0.83 15.25 32.03
CA GLN B 235 -0.28 15.85 33.26
C GLN B 235 -0.43 17.36 33.28
N ARG B 236 -0.26 18.01 32.11
CA ARG B 236 -0.42 19.47 32.03
C ARG B 236 -1.86 19.85 32.31
N VAL B 237 -2.80 19.04 31.82
CA VAL B 237 -4.25 19.31 32.05
C VAL B 237 -4.59 19.09 33.52
N MET B 238 -4.07 18.03 34.10
CA MET B 238 -4.29 17.70 35.52
C MET B 238 -3.85 18.86 36.41
N GLU B 239 -2.63 19.39 36.17
CA GLU B 239 -2.07 20.55 36.92
C GLU B 239 -3.04 21.72 36.84
N HIS B 240 -3.56 22.03 35.63
CA HIS B 240 -4.54 23.12 35.43
C HIS B 240 -5.79 22.93 36.34
N PHE B 241 -6.37 21.72 36.34
CA PHE B 241 -7.60 21.48 37.14
C PHE B 241 -7.35 21.37 38.63
N ILE B 242 -6.15 20.91 39.04
CA ILE B 242 -5.79 20.86 40.45
C ILE B 242 -5.72 22.30 40.96
N LYS B 243 -5.18 23.22 40.16
CA LYS B 243 -5.12 24.64 40.52
C LYS B 243 -6.51 25.26 40.57
N LEU B 244 -7.35 24.96 39.56
CA LEU B 244 -8.72 25.47 39.52
C LEU B 244 -9.54 24.95 40.71
N TYR B 245 -9.39 23.66 41.03
CA TYR B 245 -10.13 23.08 42.15
C TYR B 245 -9.78 23.76 43.49
N LYS B 246 -8.49 24.10 43.69
CA LYS B 246 -8.02 24.80 44.89
C LYS B 246 -8.65 26.22 44.97
N LYS B 247 -8.75 26.92 43.82
CA LYS B 247 -9.34 28.27 43.77
C LYS B 247 -10.84 28.24 44.08
N LYS B 248 -11.51 27.21 43.60
CA LYS B 248 -12.97 27.07 43.74
C LYS B 248 -13.44 26.54 45.09
N THR B 249 -12.65 25.66 45.74
CA THR B 249 -13.03 24.97 46.97
C THR B 249 -12.10 25.16 48.16
N GLY B 250 -10.85 25.54 47.91
CA GLY B 250 -9.83 25.72 48.95
C GLY B 250 -9.02 24.47 49.23
N LYS B 251 -9.37 23.34 48.57
CA LYS B 251 -8.75 22.02 48.76
C LYS B 251 -7.62 21.68 47.82
N ASP B 252 -6.59 20.95 48.33
CA ASP B 252 -5.45 20.48 47.53
C ASP B 252 -5.61 18.98 47.35
N VAL B 253 -5.97 18.56 46.13
CA VAL B 253 -6.23 17.14 45.92
C VAL B 253 -4.95 16.27 45.79
N ARG B 254 -3.75 16.89 45.74
CA ARG B 254 -2.48 16.13 45.65
C ARG B 254 -2.17 15.33 46.94
N LYS B 255 -2.92 15.58 48.01
CA LYS B 255 -2.79 14.85 49.28
C LYS B 255 -3.45 13.44 49.16
N ASP B 256 -4.29 13.22 48.13
CA ASP B 256 -5.00 11.97 47.88
C ASP B 256 -4.68 11.47 46.49
N ASN B 257 -3.87 10.38 46.40
CA ASN B 257 -3.47 9.78 45.12
C ASN B 257 -4.66 9.18 44.38
N ARG B 258 -5.70 8.76 45.12
CA ARG B 258 -6.90 8.21 44.47
C ARG B 258 -7.62 9.31 43.70
N ALA B 259 -7.69 10.54 44.28
CA ALA B 259 -8.30 11.70 43.62
C ALA B 259 -7.55 12.01 42.35
N VAL B 260 -6.21 12.06 42.47
CA VAL B 260 -5.27 12.37 41.38
C VAL B 260 -5.48 11.40 40.22
N GLN B 261 -5.54 10.10 40.53
CA GLN B 261 -5.73 9.08 39.53
C GLN B 261 -7.13 9.13 38.89
N LYS B 262 -8.18 9.45 39.69
CA LYS B 262 -9.52 9.62 39.10
C LYS B 262 -9.47 10.80 38.11
N LEU B 263 -8.74 11.88 38.48
CA LEU B 263 -8.60 13.02 37.55
C LEU B 263 -7.85 12.60 36.26
N ARG B 264 -6.72 11.89 36.43
CA ARG B 264 -5.89 11.43 35.32
C ARG B 264 -6.73 10.64 34.30
N ARG B 265 -7.54 9.67 34.77
CA ARG B 265 -8.37 8.87 33.87
C ARG B 265 -9.36 9.72 33.09
N GLU B 266 -10.09 10.63 33.78
CA GLU B 266 -11.11 11.48 33.11
C GLU B 266 -10.49 12.50 32.17
N VAL B 267 -9.30 13.04 32.55
CA VAL B 267 -8.59 14.00 31.69
C VAL B 267 -8.13 13.33 30.40
N GLU B 268 -7.66 12.06 30.50
CA GLU B 268 -7.21 11.31 29.32
C GLU B 268 -8.39 11.12 28.36
N LYS B 269 -9.57 10.81 28.90
CA LYS B 269 -10.79 10.66 28.10
C LYS B 269 -11.20 12.00 27.44
N ALA B 270 -11.12 13.13 28.17
CA ALA B 270 -11.46 14.44 27.60
C ALA B 270 -10.46 14.83 26.51
N LYS B 271 -9.17 14.58 26.76
CA LYS B 271 -8.15 14.87 25.75
C LYS B 271 -8.46 14.13 24.42
N ARG B 272 -8.83 12.83 24.50
CA ARG B 272 -9.20 12.08 23.26
C ARG B 272 -10.44 12.68 22.58
N ALA B 273 -11.47 13.11 23.37
CA ALA B 273 -12.69 13.73 22.80
C ALA B 273 -12.30 15.04 22.07
N LEU B 274 -11.26 15.75 22.59
CA LEU B 274 -10.80 17.02 22.04
C LEU B 274 -10.08 16.89 20.69
N SER B 275 -9.86 15.66 20.21
CA SER B 275 -9.29 15.47 18.89
C SER B 275 -10.38 15.52 17.85
N SER B 276 -11.67 15.44 18.28
CA SER B 276 -12.80 15.45 17.37
C SER B 276 -13.90 16.45 17.76
N GLN B 277 -13.74 17.20 18.88
CA GLN B 277 -14.67 18.20 19.39
C GLN B 277 -13.91 19.40 19.91
N HIS B 278 -14.58 20.57 20.07
CA HIS B 278 -13.87 21.76 20.57
C HIS B 278 -13.98 21.96 22.07
N GLN B 279 -14.82 21.16 22.74
CA GLN B 279 -15.02 21.19 24.20
C GLN B 279 -15.40 19.80 24.76
N ALA B 280 -15.05 19.55 26.03
CA ALA B 280 -15.31 18.24 26.65
C ALA B 280 -15.52 18.42 28.12
N ARG B 281 -16.43 17.66 28.71
CA ARG B 281 -16.73 17.75 30.13
C ARG B 281 -15.97 16.65 30.87
N ILE B 282 -15.33 17.04 31.98
CA ILE B 282 -14.60 16.14 32.87
C ILE B 282 -15.44 16.03 34.08
N GLU B 283 -16.00 14.83 34.34
CA GLU B 283 -16.90 14.58 35.47
C GLU B 283 -16.37 13.46 36.33
N ILE B 284 -16.30 13.69 37.63
CA ILE B 284 -15.81 12.68 38.55
C ILE B 284 -16.75 12.62 39.72
N GLU B 285 -17.35 11.43 39.91
CA GLU B 285 -18.23 11.20 41.04
C GLU B 285 -17.30 10.92 42.22
N SER B 286 -17.55 11.55 43.39
CA SER B 286 -16.79 11.37 44.62
C SER B 286 -15.29 11.49 44.38
N PHE B 287 -14.93 12.63 43.84
CA PHE B 287 -13.57 12.99 43.48
C PHE B 287 -12.61 13.12 44.67
N TYR B 288 -12.89 14.04 45.61
CA TYR B 288 -12.04 14.33 46.76
C TYR B 288 -12.93 14.61 47.96
N GLU B 289 -12.70 13.91 49.10
CA GLU B 289 -13.51 14.03 50.33
C GLU B 289 -15.02 13.86 50.06
N GLY B 290 -15.36 12.91 49.19
CA GLY B 290 -16.74 12.61 48.80
C GLY B 290 -17.44 13.63 47.92
N GLU B 291 -16.73 14.72 47.52
CA GLU B 291 -17.30 15.76 46.67
C GLU B 291 -17.11 15.43 45.20
N ASP B 292 -18.09 15.77 44.38
CA ASP B 292 -18.02 15.55 42.94
C ASP B 292 -17.26 16.67 42.24
N PHE B 293 -16.72 16.37 41.08
CA PHE B 293 -16.01 17.33 40.23
C PHE B 293 -16.74 17.36 38.90
N SER B 294 -16.91 18.57 38.35
CA SER B 294 -17.51 18.73 37.03
C SER B 294 -17.00 20.03 36.41
N GLU B 295 -16.16 19.92 35.40
CA GLU B 295 -15.62 21.09 34.72
C GLU B 295 -15.59 20.80 33.24
N THR B 296 -15.39 21.84 32.42
CA THR B 296 -15.23 21.71 30.96
C THR B 296 -13.82 22.10 30.52
N LEU B 297 -13.37 21.53 29.44
CA LEU B 297 -12.07 21.86 28.89
C LEU B 297 -12.24 22.15 27.41
N THR B 298 -11.75 23.31 26.93
CA THR B 298 -11.86 23.52 25.48
C THR B 298 -10.58 23.03 24.79
N ARG B 299 -10.67 22.78 23.48
CA ARG B 299 -9.50 22.46 22.69
C ARG B 299 -8.47 23.60 22.80
N ALA B 300 -8.92 24.89 22.77
CA ALA B 300 -7.98 26.00 22.87
C ALA B 300 -7.18 25.98 24.17
N LYS B 301 -7.82 25.70 25.32
CA LYS B 301 -7.09 25.66 26.60
C LYS B 301 -6.17 24.43 26.60
N PHE B 302 -6.66 23.27 26.11
CA PHE B 302 -5.80 22.09 25.99
C PHE B 302 -4.49 22.38 25.23
N GLU B 303 -4.61 23.05 24.06
CA GLU B 303 -3.46 23.41 23.22
C GLU B 303 -2.57 24.43 23.92
N GLU B 304 -3.17 25.45 24.56
CA GLU B 304 -2.40 26.44 25.34
C GLU B 304 -1.57 25.76 26.44
N LEU B 305 -2.19 24.85 27.23
CA LEU B 305 -1.46 24.17 28.29
C LEU B 305 -0.30 23.31 27.85
N ASN B 306 -0.32 22.87 26.58
CA ASN B 306 0.68 21.97 26.04
C ASN B 306 1.48 22.52 24.85
N MET B 307 1.32 23.81 24.51
CA MET B 307 1.95 24.39 23.31
C MET B 307 3.45 24.17 23.24
N ASP B 308 4.16 24.39 24.36
CA ASP B 308 5.63 24.22 24.39
C ASP B 308 6.01 22.77 24.07
N LEU B 309 5.27 21.81 24.64
CA LEU B 309 5.48 20.37 24.44
C LEU B 309 5.23 19.99 23.00
N PHE B 310 4.11 20.45 22.45
CA PHE B 310 3.80 20.19 21.05
C PHE B 310 4.85 20.75 20.10
N ARG B 311 5.27 22.02 20.30
CA ARG B 311 6.30 22.63 19.44
C ARG B 311 7.64 21.94 19.57
N SER B 312 7.94 21.37 20.76
CA SER B 312 9.21 20.68 21.01
C SER B 312 9.37 19.42 20.13
N THR B 313 8.27 18.85 19.61
CA THR B 313 8.38 17.63 18.76
C THR B 313 9.07 17.94 17.41
N MET B 314 9.11 19.23 17.01
CA MET B 314 9.74 19.68 15.78
C MET B 314 11.27 19.65 15.84
N LYS B 315 11.89 19.85 17.02
CA LYS B 315 13.37 19.85 17.16
C LYS B 315 13.98 18.48 16.79
N PRO B 316 13.45 17.32 17.26
CA PRO B 316 14.00 16.03 16.81
C PRO B 316 13.79 15.79 15.33
N VAL B 317 12.68 16.35 14.74
CA VAL B 317 12.47 16.25 13.29
C VAL B 317 13.61 16.97 12.52
N GLN B 318 13.92 18.20 12.94
CA GLN B 318 14.99 18.95 12.29
C GLN B 318 16.35 18.23 12.46
N LYS B 319 16.57 17.63 13.65
CA LYS B 319 17.79 16.90 13.97
C LYS B 319 17.98 15.70 13.07
N VAL B 320 16.93 14.87 12.88
CA VAL B 320 17.03 13.69 11.99
C VAL B 320 17.34 14.08 10.56
N LEU B 321 16.75 15.19 10.07
CA LEU B 321 17.06 15.66 8.70
C LEU B 321 18.52 16.06 8.64
N GLU B 322 19.02 16.81 9.65
CA GLU B 322 20.42 17.22 9.74
C GLU B 322 21.37 16.00 9.77
N ASP B 323 21.05 14.98 10.57
CA ASP B 323 21.91 13.78 10.63
C ASP B 323 21.85 12.91 9.39
N SER B 324 20.79 13.08 8.60
CA SER B 324 20.54 12.32 7.38
C SER B 324 21.09 13.05 6.15
N ASP B 325 21.51 14.31 6.31
CA ASP B 325 22.00 15.20 5.23
C ASP B 325 20.89 15.42 4.19
N LEU B 326 19.68 15.67 4.70
CA LEU B 326 18.49 15.94 3.90
C LEU B 326 17.88 17.27 4.27
N LYS B 327 17.08 17.82 3.36
CA LYS B 327 16.30 19.05 3.59
C LYS B 327 14.85 18.54 3.69
N LYS B 328 13.91 19.43 4.03
CA LYS B 328 12.47 19.11 4.13
C LYS B 328 11.93 18.65 2.79
N SER B 329 12.35 19.28 1.66
CA SER B 329 11.89 18.92 0.31
C SER B 329 12.26 17.50 -0.10
N ASP B 330 13.25 16.88 0.58
CA ASP B 330 13.73 15.53 0.25
C ASP B 330 12.80 14.43 0.79
N ILE B 331 11.91 14.79 1.72
CA ILE B 331 11.01 13.84 2.34
C ILE B 331 9.85 13.51 1.40
N ASP B 332 9.83 12.26 0.97
CA ASP B 332 8.85 11.75 0.02
C ASP B 332 7.60 11.26 0.67
N GLU B 333 7.72 10.70 1.89
CA GLU B 333 6.56 10.17 2.61
C GLU B 333 6.69 10.53 4.09
N ILE B 334 5.56 10.92 4.72
CA ILE B 334 5.52 11.23 6.16
C ILE B 334 4.51 10.26 6.76
N VAL B 335 4.94 9.40 7.70
CA VAL B 335 4.05 8.41 8.31
C VAL B 335 3.88 8.75 9.78
N LEU B 336 2.62 8.91 10.22
CA LEU B 336 2.34 9.22 11.63
C LEU B 336 1.85 7.95 12.32
N VAL B 337 2.47 7.60 13.45
CA VAL B 337 2.07 6.44 14.24
C VAL B 337 2.06 6.82 15.74
N GLY B 338 1.37 6.02 16.55
CA GLY B 338 1.21 6.38 17.95
C GLY B 338 -0.09 7.13 18.14
N GLY B 339 -0.82 6.78 19.18
CA GLY B 339 -2.14 7.37 19.34
C GLY B 339 -2.22 8.87 19.51
N SER B 340 -1.15 9.52 19.98
CA SER B 340 -1.16 10.99 20.23
C SER B 340 -1.05 11.79 18.96
N THR B 341 -0.79 11.10 17.80
CA THR B 341 -0.73 11.79 16.50
C THR B 341 -2.11 12.18 16.03
N ARG B 342 -3.15 11.75 16.76
CA ARG B 342 -4.53 12.11 16.44
C ARG B 342 -4.79 13.55 16.83
N ILE B 343 -3.92 14.13 17.67
CA ILE B 343 -4.11 15.52 18.13
C ILE B 343 -4.05 16.47 16.94
N PRO B 344 -5.12 17.24 16.70
CA PRO B 344 -5.12 18.17 15.55
C PRO B 344 -3.91 19.08 15.47
N LYS B 345 -3.52 19.68 16.61
CA LYS B 345 -2.38 20.61 16.65
C LYS B 345 -1.06 19.93 16.26
N ILE B 346 -0.93 18.64 16.60
CA ILE B 346 0.25 17.85 16.24
C ILE B 346 0.28 17.66 14.75
N GLN B 347 -0.88 17.27 14.17
CA GLN B 347 -0.96 17.08 12.72
C GLN B 347 -0.68 18.38 11.98
N GLN B 348 -1.19 19.49 12.54
CA GLN B 348 -0.98 20.82 11.94
C GLN B 348 0.49 21.21 11.96
N LEU B 349 1.18 21.01 13.10
CA LEU B 349 2.61 21.35 13.21
C LEU B 349 3.49 20.54 12.27
N VAL B 350 3.22 19.22 12.13
CA VAL B 350 3.99 18.38 11.20
C VAL B 350 3.81 18.86 9.75
N LYS B 351 2.56 19.13 9.36
CA LYS B 351 2.22 19.57 8.00
C LYS B 351 2.84 20.94 7.69
N GLU B 352 2.82 21.87 8.65
CA GLU B 352 3.42 23.21 8.48
C GLU B 352 4.93 23.12 8.39
N PHE B 353 5.56 22.23 9.20
CA PHE B 353 7.01 22.05 9.15
C PHE B 353 7.44 21.62 7.75
N PHE B 354 6.67 20.70 7.14
CA PHE B 354 6.91 20.17 5.79
C PHE B 354 6.25 20.96 4.65
N ASN B 355 5.98 22.26 4.90
CA ASN B 355 5.45 23.22 3.92
C ASN B 355 4.16 22.75 3.24
N GLY B 356 3.25 22.18 4.03
CA GLY B 356 1.94 21.77 3.55
C GLY B 356 1.84 20.34 3.05
N LYS B 357 2.90 19.54 3.19
CA LYS B 357 2.83 18.16 2.70
C LYS B 357 1.90 17.35 3.59
N GLU B 358 0.93 16.65 2.97
CA GLU B 358 -0.02 15.81 3.69
C GLU B 358 0.62 14.47 3.98
N PRO B 359 0.67 14.06 5.24
CA PRO B 359 1.24 12.73 5.56
C PRO B 359 0.34 11.59 5.07
N SER B 360 0.85 10.36 5.11
CA SER B 360 0.04 9.20 4.80
C SER B 360 -1.07 9.18 5.85
N ARG B 361 -2.23 8.65 5.50
CA ARG B 361 -3.31 8.52 6.48
C ARG B 361 -4.27 7.42 6.08
N GLY B 362 -4.94 6.87 7.09
CA GLY B 362 -5.93 5.87 6.82
C GLY B 362 -5.74 4.57 7.56
N ILE B 363 -4.53 4.35 8.11
CA ILE B 363 -4.29 3.17 8.93
C ILE B 363 -4.29 3.66 10.36
N ASN B 364 -5.08 2.99 11.23
CA ASN B 364 -5.17 3.35 12.65
C ASN B 364 -3.73 3.51 13.22
N PRO B 365 -3.35 4.71 13.75
CA PRO B 365 -1.95 4.90 14.18
C PRO B 365 -1.48 4.05 15.34
N ASP B 366 -2.42 3.46 16.11
CA ASP B 366 -2.04 2.58 17.21
C ASP B 366 -1.73 1.18 16.71
N GLU B 367 -2.31 0.84 15.56
CA GLU B 367 -2.26 -0.50 14.97
C GLU B 367 -1.35 -0.64 13.77
N ALA B 368 -0.85 0.47 13.19
CA ALA B 368 -0.04 0.38 11.97
C ALA B 368 1.22 -0.50 12.10
N VAL B 369 1.87 -0.44 13.25
CA VAL B 369 3.12 -1.21 13.44
C VAL B 369 2.82 -2.73 13.50
N ALA B 370 1.76 -3.14 14.23
CA ALA B 370 1.40 -4.57 14.27
C ALA B 370 0.88 -5.03 12.92
N TYR B 371 0.18 -4.12 12.19
CA TYR B 371 -0.31 -4.43 10.86
C TYR B 371 0.91 -4.77 9.97
N GLY B 372 1.96 -3.95 10.02
CA GLY B 372 3.16 -4.19 9.21
C GLY B 372 3.90 -5.46 9.58
N ALA B 373 4.02 -5.72 10.89
CA ALA B 373 4.60 -6.96 11.42
C ALA B 373 3.79 -8.18 10.91
N ALA B 374 2.45 -8.04 10.86
CA ALA B 374 1.56 -9.13 10.43
C ALA B 374 1.71 -9.41 8.95
N VAL B 375 2.01 -8.36 8.15
CA VAL B 375 2.22 -8.49 6.70
C VAL B 375 3.48 -9.37 6.50
N GLN B 376 4.55 -9.05 7.25
CA GLN B 376 5.82 -9.78 7.19
C GLN B 376 5.64 -11.20 7.66
N ALA B 377 4.85 -11.39 8.75
CA ALA B 377 4.54 -12.71 9.30
C ALA B 377 3.76 -13.52 8.26
N GLY B 378 2.89 -12.87 7.49
CA GLY B 378 2.13 -13.54 6.44
C GLY B 378 2.99 -14.22 5.38
N VAL B 379 4.11 -13.60 5.07
CA VAL B 379 5.09 -14.13 4.11
C VAL B 379 5.80 -15.38 4.68
N LEU B 380 5.99 -15.41 6.00
CA LEU B 380 6.66 -16.54 6.66
C LEU B 380 5.76 -17.73 6.98
N SER B 381 4.44 -17.52 7.04
CA SER B 381 3.45 -18.55 7.41
C SER B 381 3.30 -19.68 6.41
N GLY B 382 3.50 -19.40 5.14
CA GLY B 382 3.38 -20.38 4.07
C GLY B 382 1.98 -20.50 3.53
#